data_4AUI
#
_entry.id   4AUI
#
_cell.length_a   114.050
_cell.length_b   111.470
_cell.length_c   88.340
_cell.angle_alpha   90.00
_cell.angle_beta   102.07
_cell.angle_gamma   90.00
#
_symmetry.space_group_name_H-M   'C 1 2 1'
#
loop_
_entity.id
_entity.type
_entity.pdbx_description
1 polymer 'PORIN (PORB)'
2 polymer 'POLY ALA'
3 non-polymer "ADENOSINE-5'-TRIPHOSPHATE"
4 non-polymer 'PHOSPHATE ION'
5 non-polymer 'MAGNESIUM ION'
#
loop_
_entity_poly.entity_id
_entity_poly.type
_entity_poly.pdbx_seq_one_letter_code
_entity_poly.pdbx_strand_id
1 'polypeptide(L)'
;MKKSLIALTLAALPVAAMADVTLYGTIKAGVETSRSVAHHGAQADRVKTATEIADLGSKIGFKGQEDLGNGLKAIWQLEQ
KAYVSGTDTGWGNRQSFIGLKGGFGKVRVGRLNNILKDTGNFNPWEGKSYYSGLSNIAQPEERHVSVRYDSPEFAGFSGS
VQYVPNDNSGKNRSESYHAGFNYKNDGFFVQYAGSYKRHNYTTEKHQVHRLVGGYDHDALYASVAVQQQDAKLTWRDDNS
HNSQTEVATTVAYRFGNVTPRVSYAHGFKGSVYDADHDNTYDQVVVGAEYDFSKRTSALVSAGWLQKGKGAEKFVATVGG
VGLRHKF
;
A,B,C
2 'polypeptide(L)' AAAAAAAA D,E,F
#
loop_
_chem_comp.id
_chem_comp.type
_chem_comp.name
_chem_comp.formula
ATP non-polymer ADENOSINE-5'-TRIPHOSPHATE 'C10 H16 N5 O13 P3'
MG non-polymer 'MAGNESIUM ION' 'Mg 2'
PO4 non-polymer 'PHOSPHATE ION' 'O4 P -3'
#
# COMPACT_ATOMS: atom_id res chain seq x y z
N ASP A 20 -4.58 1.33 23.88
CA ASP A 20 -4.33 2.65 23.30
C ASP A 20 -3.85 2.57 21.84
N VAL A 21 -4.68 1.98 20.98
CA VAL A 21 -4.44 2.02 19.54
C VAL A 21 -5.35 3.08 18.98
N THR A 22 -4.85 3.75 17.94
CA THR A 22 -5.57 4.83 17.30
C THR A 22 -5.41 4.82 15.79
N LEU A 23 -6.53 4.93 15.10
CA LEU A 23 -6.50 5.13 13.68
C LEU A 23 -6.96 6.57 13.43
N TYR A 24 -6.24 7.23 12.54
CA TYR A 24 -6.35 8.65 12.35
C TYR A 24 -5.92 9.01 10.93
N GLY A 25 -5.94 10.28 10.62
CA GLY A 25 -5.55 10.75 9.31
C GLY A 25 -6.33 12.01 8.96
N THR A 26 -6.24 12.40 7.70
CA THR A 26 -7.11 13.45 7.15
C THR A 26 -7.29 13.30 5.64
N ILE A 27 -8.48 13.67 5.16
CA ILE A 27 -8.77 13.61 3.74
C ILE A 27 -9.18 15.00 3.28
N LYS A 28 -8.46 15.49 2.28
CA LYS A 28 -8.72 16.79 1.69
C LYS A 28 -8.44 16.67 0.20
N ALA A 29 -9.34 17.23 -0.60
CA ALA A 29 -9.17 17.23 -2.05
C ALA A 29 -9.90 18.41 -2.67
N GLY A 30 -9.89 18.49 -3.98
CA GLY A 30 -10.61 19.58 -4.61
C GLY A 30 -9.89 20.01 -5.86
N VAL A 31 -10.30 21.14 -6.40
CA VAL A 31 -9.86 21.54 -7.73
C VAL A 31 -8.79 22.63 -7.72
N GLU A 32 -7.89 22.55 -8.71
CA GLU A 32 -6.77 23.45 -8.95
C GLU A 32 -6.87 24.05 -10.27
N THR A 33 -7.03 25.34 -10.34
CA THR A 33 -6.91 26.00 -11.61
C THR A 33 -5.54 26.65 -11.49
N SER A 34 -4.71 26.53 -12.52
CA SER A 34 -3.31 26.96 -12.45
C SER A 34 -2.89 27.58 -13.78
N ARG A 35 -1.96 28.53 -13.73
CA ARG A 35 -1.43 29.13 -14.96
C ARG A 35 0.05 29.47 -14.84
N SER A 36 0.77 29.34 -15.94
CA SER A 36 2.18 29.72 -15.96
C SER A 36 2.43 30.72 -17.08
N VAL A 37 3.29 31.68 -16.81
CA VAL A 37 3.79 32.57 -17.83
C VAL A 37 5.30 32.42 -17.91
N ALA A 38 5.76 31.78 -18.98
CA ALA A 38 7.18 31.50 -19.18
C ALA A 38 7.76 32.51 -20.15
N HIS A 39 8.73 33.30 -19.71
CA HIS A 39 9.30 34.34 -20.56
C HIS A 39 10.67 33.95 -21.12
N HIS A 40 11.08 34.03 -22.38
CA HIS A 40 10.64 34.40 -23.71
C HIS A 40 10.79 35.87 -23.99
N GLY A 41 11.28 36.59 -22.99
CA GLY A 41 11.70 37.92 -23.34
C GLY A 41 12.64 37.52 -24.46
N ALA A 42 13.67 36.75 -24.12
CA ALA A 42 14.60 36.24 -25.13
C ALA A 42 14.29 34.78 -25.53
N GLN A 43 13.99 34.55 -26.81
CA GLN A 43 13.77 33.18 -27.33
C GLN A 43 12.54 32.40 -26.74
N ALA A 44 11.36 32.70 -27.29
CA ALA A 44 10.02 32.65 -26.67
C ALA A 44 9.06 31.41 -26.56
N ASP A 45 8.27 31.36 -25.46
CA ASP A 45 6.83 30.93 -25.43
C ASP A 45 6.24 30.99 -24.01
N ARG A 46 4.92 31.05 -23.88
CA ARG A 46 4.33 31.19 -22.59
C ARG A 46 3.25 30.09 -22.43
N VAL A 47 3.47 29.15 -21.49
CA VAL A 47 2.61 27.96 -21.41
C VAL A 47 1.37 28.33 -20.69
N LYS A 48 0.68 27.31 -20.23
CA LYS A 48 -0.73 27.55 -19.95
C LYS A 48 -1.32 27.01 -18.67
N THR A 49 -2.58 27.41 -18.47
CA THR A 49 -3.46 26.85 -17.49
C THR A 49 -3.48 25.33 -17.54
N ALA A 50 -3.55 24.72 -16.36
CA ALA A 50 -3.92 23.35 -16.23
C ALA A 50 -4.99 23.40 -15.16
N THR A 51 -6.06 22.63 -15.34
CA THR A 51 -7.13 22.62 -14.34
C THR A 51 -7.50 21.19 -13.99
N GLU A 52 -7.30 20.85 -12.72
CA GLU A 52 -7.41 19.46 -12.32
C GLU A 52 -8.02 19.22 -10.96
N ILE A 53 -8.53 18.01 -10.77
CA ILE A 53 -8.94 17.57 -9.48
C ILE A 53 -7.70 16.97 -8.83
N ALA A 54 -7.43 17.38 -7.61
CA ALA A 54 -6.20 17.04 -6.96
C ALA A 54 -6.52 16.69 -5.52
N ASP A 55 -5.88 15.62 -5.04
CA ASP A 55 -5.94 15.27 -3.62
C ASP A 55 -4.93 16.16 -2.94
N LEU A 56 -5.37 16.93 -1.95
CA LEU A 56 -4.46 17.84 -1.30
C LEU A 56 -3.87 17.14 -0.09
N GLY A 57 -2.61 16.71 -0.20
CA GLY A 57 -1.87 16.13 0.92
C GLY A 57 -2.58 15.07 1.77
N SER A 58 -3.46 14.30 1.17
CA SER A 58 -4.32 13.42 1.96
C SER A 58 -3.50 12.25 2.52
N LYS A 59 -3.91 11.70 3.67
CA LYS A 59 -3.16 10.56 4.24
C LYS A 59 -3.74 9.91 5.49
N ILE A 60 -3.22 8.73 5.78
CA ILE A 60 -3.82 7.84 6.76
C ILE A 60 -2.76 7.40 7.76
N GLY A 61 -3.14 7.20 9.01
CA GLY A 61 -2.19 6.65 9.95
C GLY A 61 -2.80 5.83 11.03
N PHE A 62 -1.98 4.98 11.62
CA PHE A 62 -2.36 4.19 12.79
C PHE A 62 -1.22 4.46 13.71
N LYS A 63 -1.41 4.23 15.00
CA LYS A 63 -0.35 4.47 15.97
C LYS A 63 -0.85 4.24 17.39
N GLY A 64 0.07 4.25 18.35
CA GLY A 64 -0.32 4.06 19.73
C GLY A 64 0.76 4.30 20.74
N GLN A 65 0.42 4.01 22.00
CA GLN A 65 1.35 4.08 23.13
C GLN A 65 0.94 3.08 24.24
N GLU A 66 1.90 2.61 25.03
CA GLU A 66 1.63 1.66 26.11
C GLU A 66 2.27 2.10 27.42
N ASP A 67 1.64 1.71 28.54
CA ASP A 67 2.20 1.92 29.87
C ASP A 67 2.05 0.63 30.70
N LEU A 68 2.44 0.69 31.97
CA LEU A 68 2.43 -0.48 32.88
C LEU A 68 3.43 -1.60 32.56
N GLY A 69 4.63 -1.26 32.07
CA GLY A 69 5.03 0.12 31.86
C GLY A 69 5.53 0.76 33.14
N ASN A 70 5.68 2.08 33.09
CA ASN A 70 6.28 2.85 34.17
C ASN A 70 5.96 4.33 34.00
N GLY A 71 6.74 5.19 34.64
CA GLY A 71 6.76 6.60 34.25
C GLY A 71 7.01 6.71 32.75
N LEU A 72 7.59 5.64 32.19
CA LEU A 72 7.80 5.49 30.74
C LEU A 72 6.51 5.13 29.96
N LYS A 73 6.51 5.40 28.66
CA LYS A 73 5.46 4.93 27.75
C LYS A 73 6.07 4.57 26.40
N ALA A 74 5.49 3.58 25.72
CA ALA A 74 5.97 3.19 24.41
C ALA A 74 5.13 3.85 23.31
N ILE A 75 5.79 4.43 22.33
CA ILE A 75 5.06 5.11 21.29
C ILE A 75 5.49 4.51 19.99
N TRP A 76 4.52 4.30 19.12
CA TRP A 76 4.80 3.83 17.78
C TRP A 76 3.81 4.51 16.86
N GLN A 77 4.18 4.64 15.60
CA GLN A 77 3.24 5.13 14.61
C GLN A 77 3.57 4.59 13.24
N LEU A 78 2.54 4.38 12.44
CA LEU A 78 2.72 4.08 11.03
C LEU A 78 1.73 4.95 10.22
N GLU A 79 2.26 5.86 9.42
CA GLU A 79 1.39 6.74 8.67
C GLU A 79 1.91 6.68 7.26
N GLN A 80 1.00 6.74 6.28
CA GLN A 80 1.35 6.71 4.85
C GLN A 80 0.46 7.64 4.03
N LYS A 81 0.88 7.85 2.79
CA LYS A 81 0.15 8.69 1.88
C LYS A 81 -1.06 7.92 1.37
N ALA A 82 -2.24 8.45 1.69
CA ALA A 82 -3.46 7.92 1.13
C ALA A 82 -4.01 8.97 0.20
N TYR A 83 -3.89 8.74 -1.11
CA TYR A 83 -4.48 9.63 -2.07
C TYR A 83 -5.85 9.14 -2.46
N VAL A 84 -6.86 9.91 -2.09
CA VAL A 84 -8.22 9.79 -2.61
C VAL A 84 -8.18 9.75 -4.13
N SER A 85 -7.30 10.54 -4.73
CA SER A 85 -7.08 10.49 -6.17
C SER A 85 -6.26 9.26 -6.61
N GLY A 86 -5.59 8.62 -5.65
CA GLY A 86 -4.84 7.40 -5.90
C GLY A 86 -3.81 7.48 -7.00
N THR A 87 -2.99 8.54 -6.96
CA THR A 87 -1.85 8.68 -7.86
C THR A 87 -0.67 7.95 -7.22
N ASP A 88 -0.97 7.22 -6.15
CA ASP A 88 0.02 6.77 -5.17
C ASP A 88 0.33 5.27 -5.07
N THR A 89 1.10 4.95 -4.03
CA THR A 89 1.58 3.61 -3.76
C THR A 89 2.18 3.62 -2.33
N GLY A 90 2.26 2.45 -1.68
CA GLY A 90 3.09 2.30 -0.50
C GLY A 90 2.59 2.50 0.94
N TRP A 91 3.55 2.32 1.87
CA TRP A 91 3.33 2.33 3.33
C TRP A 91 4.43 3.10 4.09
N GLY A 92 4.07 3.68 5.22
CA GLY A 92 5.07 4.33 6.05
C GLY A 92 6.00 5.29 5.31
N ASN A 93 5.50 5.95 4.24
CA ASN A 93 6.19 7.05 3.54
C ASN A 93 5.79 8.43 4.14
N ARG A 94 4.93 8.33 5.13
CA ARG A 94 4.59 9.43 6.01
C ARG A 94 5.57 9.46 7.15
N GLN A 95 5.25 10.19 8.21
CA GLN A 95 6.09 10.08 9.39
C GLN A 95 5.66 8.89 10.22
N SER A 96 6.51 7.87 10.27
CA SER A 96 6.27 6.66 11.04
C SER A 96 7.51 6.25 11.85
N PHE A 97 7.29 5.66 13.00
CA PHE A 97 8.40 5.45 13.88
C PHE A 97 8.12 4.41 14.97
N ILE A 98 9.15 4.17 15.78
CA ILE A 98 9.00 3.58 17.11
C ILE A 98 9.94 4.24 18.14
N GLY A 99 9.48 4.38 19.36
CA GLY A 99 10.25 5.09 20.36
C GLY A 99 9.60 5.08 21.71
N LEU A 100 10.10 5.93 22.61
CA LEU A 100 9.60 6.03 23.96
C LEU A 100 9.57 7.44 24.47
N LYS A 101 8.66 7.70 25.39
CA LYS A 101 8.59 9.00 26.04
C LYS A 101 8.58 8.76 27.54
N GLY A 102 9.04 9.73 28.30
CA GLY A 102 9.15 9.55 29.74
C GLY A 102 9.54 10.84 30.42
N GLY A 103 10.07 10.73 31.62
CA GLY A 103 10.54 11.92 32.27
C GLY A 103 11.35 12.68 31.24
N PHE A 104 12.18 11.93 30.52
CA PHE A 104 13.19 12.49 29.62
C PHE A 104 12.70 12.94 28.24
N GLY A 105 11.41 12.75 27.95
CA GLY A 105 10.86 13.11 26.65
C GLY A 105 10.85 11.94 25.69
N LYS A 106 10.89 12.24 24.39
CA LYS A 106 10.73 11.21 23.35
C LYS A 106 12.01 10.91 22.55
N VAL A 107 12.43 9.65 22.55
CA VAL A 107 13.36 9.19 21.51
C VAL A 107 12.63 8.28 20.54
N ARG A 108 12.82 8.50 19.25
CA ARG A 108 12.05 7.78 18.24
C ARG A 108 12.90 7.56 16.98
N VAL A 109 12.50 6.59 16.18
CA VAL A 109 13.31 6.22 15.01
C VAL A 109 12.49 5.66 13.82
N GLY A 110 13.12 5.61 12.63
CA GLY A 110 12.36 5.30 11.41
C GLY A 110 12.18 6.53 10.53
N ARG A 111 11.29 6.48 9.54
CA ARG A 111 10.99 7.68 8.77
C ARG A 111 10.48 8.77 9.71
N LEU A 112 11.14 9.92 9.71
CA LEU A 112 10.86 10.95 10.70
C LEU A 112 11.11 12.31 10.10
N ASN A 113 10.40 13.31 10.62
CA ASN A 113 10.45 14.68 10.13
C ASN A 113 11.70 15.53 10.47
N ASN A 114 12.23 16.21 9.45
CA ASN A 114 13.33 17.17 9.56
C ASN A 114 12.96 18.10 10.65
N ILE A 115 13.96 18.59 11.34
CA ILE A 115 13.74 19.58 12.37
C ILE A 115 13.25 20.89 11.72
N LEU A 116 13.72 21.20 10.50
CA LEU A 116 13.16 22.30 9.69
C LEU A 116 11.70 22.04 9.30
N LYS A 117 11.39 20.76 9.07
CA LYS A 117 10.01 20.35 8.73
C LYS A 117 9.00 20.58 9.86
N ASP A 118 9.43 20.37 11.12
CA ASP A 118 8.54 20.58 12.26
C ASP A 118 8.55 22.03 12.82
N THR A 119 9.26 22.98 12.22
CA THR A 119 8.93 24.35 12.58
C THR A 119 7.68 24.63 11.76
N GLY A 120 7.86 24.96 10.49
CA GLY A 120 6.91 24.66 9.44
C GLY A 120 5.49 25.13 9.63
N ASN A 121 5.21 25.81 10.75
CA ASN A 121 3.84 26.15 11.14
C ASN A 121 3.31 27.38 10.40
N PHE A 122 4.26 28.09 9.79
CA PHE A 122 4.06 29.36 9.13
C PHE A 122 3.69 29.11 7.68
N ASN A 123 3.53 27.83 7.32
CA ASN A 123 3.30 27.47 5.95
C ASN A 123 2.18 26.43 5.81
N PRO A 124 0.99 26.72 6.37
CA PRO A 124 -0.05 25.69 6.42
C PRO A 124 -1.06 25.74 5.27
N TRP A 125 -0.56 25.74 4.04
CA TRP A 125 -1.45 25.86 2.90
C TRP A 125 -1.67 24.49 2.30
N GLU A 126 -2.88 23.96 2.50
CA GLU A 126 -3.25 22.67 1.91
C GLU A 126 -3.00 22.86 0.42
N GLY A 127 -2.39 21.89 -0.24
CA GLY A 127 -1.84 22.17 -1.55
C GLY A 127 -1.82 21.03 -2.52
N LYS A 128 -1.32 21.27 -3.73
CA LYS A 128 -1.28 20.21 -4.73
C LYS A 128 -0.09 20.25 -5.67
N SER A 129 -0.18 19.42 -6.71
CA SER A 129 0.95 19.09 -7.57
C SER A 129 1.76 20.32 -7.90
N TYR A 130 1.08 21.42 -8.20
CA TYR A 130 1.71 22.74 -8.18
C TYR A 130 1.39 23.49 -6.88
N TYR A 131 2.41 24.18 -6.37
CA TYR A 131 2.42 24.85 -5.10
C TYR A 131 1.19 25.69 -4.75
N SER A 132 0.56 25.39 -3.63
CA SER A 132 -0.33 26.38 -3.04
C SER A 132 0.59 27.50 -2.54
N GLY A 133 1.75 27.09 -2.03
CA GLY A 133 2.73 27.92 -1.33
C GLY A 133 2.91 27.42 0.10
N LEU A 134 3.94 27.88 0.83
CA LEU A 134 5.06 28.64 0.32
C LEU A 134 6.22 27.65 0.18
N SER A 135 6.56 27.31 -1.06
CA SER A 135 7.38 26.14 -1.32
C SER A 135 8.89 26.36 -1.26
N ASN A 136 9.42 27.21 -2.11
CA ASN A 136 10.86 27.32 -2.25
C ASN A 136 11.56 27.52 -0.92
N ILE A 137 10.84 28.12 0.02
CA ILE A 137 11.33 28.26 1.39
C ILE A 137 11.17 26.98 2.22
N ALA A 138 10.22 26.13 1.85
CA ALA A 138 10.03 24.86 2.56
C ALA A 138 10.71 23.65 1.88
N GLN A 139 11.45 23.89 0.80
CA GLN A 139 12.20 22.86 0.11
C GLN A 139 13.01 21.89 1.00
N PRO A 140 13.76 22.41 1.99
CA PRO A 140 14.39 21.48 2.93
C PRO A 140 13.54 21.21 4.18
N GLU A 141 12.31 20.75 3.99
CA GLU A 141 11.54 20.23 5.10
C GLU A 141 11.25 18.79 4.71
N GLU A 142 11.89 17.82 5.37
CA GLU A 142 11.86 16.46 4.87
C GLU A 142 11.43 15.39 5.86
N ARG A 143 11.45 14.14 5.38
CA ARG A 143 11.35 12.97 6.23
C ARG A 143 12.47 12.03 5.78
N HIS A 144 13.33 11.62 6.73
CA HIS A 144 14.40 10.69 6.42
C HIS A 144 14.34 9.55 7.38
N VAL A 145 14.93 8.43 7.01
CA VAL A 145 15.01 7.35 7.98
C VAL A 145 16.16 7.67 8.93
N SER A 146 15.82 7.89 10.19
CA SER A 146 16.71 8.59 11.10
C SER A 146 16.33 8.41 12.54
N VAL A 147 17.05 9.14 13.39
CA VAL A 147 16.84 9.10 14.84
C VAL A 147 16.57 10.48 15.38
N ARG A 148 15.65 10.58 16.32
CA ARG A 148 15.33 11.88 16.91
C ARG A 148 15.08 11.87 18.40
N TYR A 149 15.76 12.77 19.10
CA TYR A 149 15.41 13.06 20.49
C TYR A 149 14.72 14.42 20.56
N ASP A 150 13.62 14.44 21.31
CA ASP A 150 12.91 15.68 21.61
C ASP A 150 12.78 15.77 23.12
N SER A 151 13.39 16.80 23.68
CA SER A 151 13.40 17.03 25.12
C SER A 151 12.07 17.64 25.52
N PRO A 152 11.63 17.35 26.75
CA PRO A 152 10.30 17.82 27.18
C PRO A 152 10.29 19.34 27.37
N GLU A 153 9.18 19.90 27.82
CA GLU A 153 9.12 21.34 28.03
C GLU A 153 9.73 21.69 29.38
N PHE A 154 10.52 22.75 29.43
CA PHE A 154 10.79 23.41 30.69
C PHE A 154 10.71 24.92 30.53
N ALA A 155 9.73 25.54 31.16
CA ALA A 155 9.51 26.98 31.02
C ALA A 155 9.33 27.41 29.56
N GLY A 156 8.46 26.72 28.83
CA GLY A 156 8.24 27.03 27.42
C GLY A 156 9.37 26.61 26.51
N PHE A 157 10.33 25.85 27.04
CA PHE A 157 11.55 25.48 26.32
C PHE A 157 11.57 24.08 25.75
N SER A 158 12.13 23.95 24.56
CA SER A 158 12.18 22.63 23.91
C SER A 158 13.34 22.47 22.93
N GLY A 159 13.79 21.24 22.73
CA GLY A 159 14.91 21.01 21.83
C GLY A 159 14.95 19.61 21.28
N SER A 160 15.59 19.45 20.14
CA SER A 160 15.60 18.15 19.49
C SER A 160 16.75 18.02 18.54
N VAL A 161 17.07 16.79 18.26
CA VAL A 161 18.23 16.48 17.47
C VAL A 161 17.91 15.19 16.69
N GLN A 162 18.53 15.08 15.53
CA GLN A 162 18.26 14.06 14.54
C GLN A 162 19.48 13.63 13.76
N TYR A 163 19.62 12.34 13.61
CA TYR A 163 20.69 11.86 12.77
C TYR A 163 20.11 11.16 11.56
N VAL A 164 20.65 11.47 10.39
CA VAL A 164 20.28 10.79 9.16
C VAL A 164 21.51 10.09 8.65
N PRO A 165 21.73 8.86 9.10
CA PRO A 165 22.94 8.15 8.72
C PRO A 165 22.92 7.84 7.26
N ASN A 166 21.74 7.59 6.68
CA ASN A 166 21.70 6.78 5.47
C ASN A 166 22.29 7.39 4.24
N ASP A 167 23.31 6.71 3.75
CA ASP A 167 24.06 5.81 4.62
C ASP A 167 25.54 6.14 4.42
N ASN A 168 26.07 5.78 3.25
CA ASN A 168 27.31 6.37 2.75
C ASN A 168 28.67 6.09 3.39
N SER A 169 28.87 4.95 4.04
CA SER A 169 30.25 4.55 4.23
C SER A 169 30.48 3.07 3.94
N GLY A 170 31.17 2.76 2.84
CA GLY A 170 31.24 3.63 1.68
C GLY A 170 32.19 4.83 1.64
N LYS A 171 31.74 5.86 0.93
CA LYS A 171 32.50 7.08 0.71
C LYS A 171 32.39 8.01 1.90
N ASN A 172 32.85 9.25 1.69
CA ASN A 172 32.60 10.30 2.66
C ASN A 172 31.10 10.49 2.87
N ARG A 173 30.74 10.59 4.14
CA ARG A 173 29.37 10.38 4.60
C ARG A 173 28.36 11.42 4.18
N SER A 174 27.28 10.98 3.54
CA SER A 174 26.18 11.86 3.17
C SER A 174 25.18 11.94 4.30
N GLU A 175 25.52 11.30 5.42
CA GLU A 175 24.66 11.43 6.58
C GLU A 175 24.53 12.88 6.90
N SER A 176 23.34 13.24 7.38
CA SER A 176 23.07 14.61 7.75
C SER A 176 22.56 14.72 9.16
N TYR A 177 22.38 15.95 9.55
CA TYR A 177 22.46 16.34 10.93
C TYR A 177 21.48 17.42 11.30
N HIS A 178 20.59 17.18 12.25
CA HIS A 178 19.45 18.07 12.39
C HIS A 178 19.12 18.42 13.80
N ALA A 179 19.00 19.70 14.07
CA ALA A 179 18.47 20.02 15.39
C ALA A 179 17.96 21.41 15.51
N GLY A 180 17.06 21.57 16.47
CA GLY A 180 16.47 22.85 16.74
C GLY A 180 16.02 23.03 18.17
N PHE A 181 15.64 24.25 18.48
CA PHE A 181 15.03 24.54 19.76
C PHE A 181 13.77 25.38 19.54
N ASN A 182 12.92 25.38 20.55
CA ASN A 182 11.68 26.08 20.47
C ASN A 182 11.33 26.79 21.77
N TYR A 183 11.11 28.07 21.70
CA TYR A 183 10.54 28.76 22.81
C TYR A 183 9.12 29.15 22.51
N LYS A 184 8.23 28.91 23.47
CA LYS A 184 6.90 29.52 23.45
C LYS A 184 6.58 30.11 24.79
N ASN A 185 6.44 31.43 24.83
CA ASN A 185 5.95 32.05 26.03
C ASN A 185 4.78 32.97 25.78
N ASP A 186 3.63 32.59 26.36
CA ASP A 186 2.37 33.36 26.23
C ASP A 186 1.97 33.70 24.79
N GLY A 187 1.66 32.65 24.03
CA GLY A 187 1.20 32.77 22.65
C GLY A 187 2.31 33.32 21.79
N PHE A 188 3.53 33.07 22.22
CA PHE A 188 4.66 33.77 21.67
C PHE A 188 5.74 32.79 21.41
N PHE A 189 6.40 32.90 20.29
CA PHE A 189 7.27 31.77 19.95
C PHE A 189 8.41 32.14 19.05
N VAL A 190 9.41 31.29 19.08
CA VAL A 190 10.48 31.33 18.12
C VAL A 190 10.95 29.92 18.02
N GLN A 191 11.37 29.54 16.83
CA GLN A 191 11.84 28.20 16.65
C GLN A 191 13.03 28.28 15.74
N TYR A 192 14.15 27.81 16.26
CA TYR A 192 15.29 27.60 15.40
C TYR A 192 15.30 26.16 14.93
N ALA A 193 15.64 25.98 13.67
CA ALA A 193 15.79 24.65 13.13
C ALA A 193 17.00 24.71 12.25
N GLY A 194 17.82 23.67 12.27
CA GLY A 194 18.98 23.68 11.44
C GLY A 194 19.32 22.28 10.96
N SER A 195 19.99 22.27 9.83
CA SER A 195 20.40 21.07 9.15
C SER A 195 21.81 21.30 8.64
N TYR A 196 22.62 20.25 8.68
CA TYR A 196 23.93 20.28 8.09
C TYR A 196 24.17 18.94 7.46
N LYS A 197 24.98 18.89 6.42
CA LYS A 197 25.18 17.64 5.76
C LYS A 197 26.65 17.45 5.47
N ARG A 198 27.21 16.41 6.08
CA ARG A 198 28.63 16.10 5.98
C ARG A 198 29.03 15.91 4.53
N HIS A 199 28.13 15.33 3.75
CA HIS A 199 28.38 15.20 2.32
C HIS A 199 27.08 15.04 1.54
N ASN A 200 27.10 15.51 0.30
CA ASN A 200 26.09 15.15 -0.68
C ASN A 200 26.77 15.26 -2.01
N TYR A 201 26.46 14.36 -2.93
CA TYR A 201 26.97 14.55 -4.28
C TYR A 201 26.11 15.50 -5.07
N THR A 202 26.78 16.16 -6.00
CA THR A 202 26.24 17.33 -6.64
C THR A 202 26.19 18.40 -5.55
N THR A 203 27.16 18.30 -4.62
CA THR A 203 27.37 19.22 -3.48
C THR A 203 28.53 18.75 -2.56
N GLU A 204 28.79 19.49 -1.48
CA GLU A 204 29.63 19.05 -0.37
C GLU A 204 29.07 19.77 0.82
N LYS A 205 29.56 19.47 2.00
CA LYS A 205 28.89 19.76 3.25
C LYS A 205 27.98 21.00 3.21
N HIS A 206 26.67 20.76 3.39
CA HIS A 206 25.65 21.79 3.11
C HIS A 206 24.82 22.20 4.32
N GLN A 207 24.56 23.50 4.50
CA GLN A 207 23.87 23.94 5.72
C GLN A 207 22.61 24.75 5.49
N VAL A 208 21.63 24.48 6.33
CA VAL A 208 20.36 25.19 6.28
C VAL A 208 19.97 25.67 7.69
N HIS A 209 19.55 26.92 7.78
CA HIS A 209 19.21 27.52 9.05
C HIS A 209 17.89 28.27 8.94
N ARG A 210 17.09 28.13 9.98
CA ARG A 210 15.80 28.81 10.01
C ARG A 210 15.46 29.32 11.38
N LEU A 211 15.06 30.58 11.44
CA LEU A 211 14.47 31.09 12.65
C LEU A 211 13.07 31.50 12.34
N VAL A 212 12.18 31.21 13.26
CA VAL A 212 10.80 31.60 13.10
C VAL A 212 10.43 32.33 14.37
N GLY A 213 9.63 33.38 14.26
CA GLY A 213 9.10 33.96 15.47
C GLY A 213 7.75 34.55 15.17
N GLY A 214 6.92 34.65 16.21
CA GLY A 214 5.62 35.25 16.02
C GLY A 214 4.74 35.06 17.20
N TYR A 215 3.52 35.54 17.06
CA TYR A 215 2.50 35.26 18.02
C TYR A 215 1.63 34.14 17.45
N ASP A 216 1.38 33.12 18.26
CA ASP A 216 0.44 32.11 17.87
C ASP A 216 -0.50 31.94 19.05
N HIS A 217 -1.74 32.40 18.92
CA HIS A 217 -2.70 32.14 19.96
C HIS A 217 -4.04 32.78 19.67
N ASP A 218 -5.09 32.27 20.33
CA ASP A 218 -6.39 32.91 20.42
C ASP A 218 -6.85 33.57 19.12
N ALA A 219 -7.12 32.76 18.10
CA ALA A 219 -7.71 33.29 16.87
C ALA A 219 -6.79 34.22 16.06
N LEU A 220 -5.58 34.46 16.56
CA LEU A 220 -4.62 35.24 15.82
C LEU A 220 -3.28 34.53 15.73
N TYR A 221 -2.70 34.56 14.54
CA TYR A 221 -1.36 34.03 14.34
C TYR A 221 -0.61 34.98 13.40
N ALA A 222 0.64 35.24 13.71
CA ALA A 222 1.48 36.01 12.83
C ALA A 222 2.86 35.50 13.02
N SER A 223 3.61 35.39 11.94
CA SER A 223 4.98 34.91 12.05
C SER A 223 5.86 35.47 10.97
N VAL A 224 7.10 35.76 11.33
CA VAL A 224 8.13 35.95 10.33
C VAL A 224 9.20 34.91 10.51
N ALA A 225 9.57 34.33 9.38
CA ALA A 225 10.61 33.34 9.38
C ALA A 225 11.65 33.72 8.36
N VAL A 226 12.84 33.22 8.61
CA VAL A 226 13.96 33.49 7.75
C VAL A 226 14.77 32.23 7.67
N GLN A 227 15.08 31.83 6.46
CA GLN A 227 15.97 30.71 6.25
C GLN A 227 17.13 31.15 5.38
N GLN A 228 18.29 30.61 5.67
CA GLN A 228 19.45 30.81 4.84
C GLN A 228 20.02 29.44 4.60
N GLN A 229 20.72 29.28 3.50
CA GLN A 229 21.40 28.04 3.22
C GLN A 229 22.73 28.38 2.65
N ASP A 230 23.79 27.89 3.27
CA ASP A 230 25.12 28.18 2.77
C ASP A 230 25.70 26.85 2.31
N ALA A 231 26.24 26.82 1.10
CA ALA A 231 26.67 25.55 0.51
C ALA A 231 27.99 25.62 -0.24
N LYS A 232 28.88 24.69 0.11
CA LYS A 232 30.13 24.46 -0.60
C LYS A 232 29.76 23.70 -1.88
N LEU A 233 30.57 23.83 -2.93
CA LEU A 233 30.15 23.31 -4.22
C LEU A 233 31.25 22.88 -5.17
N THR A 234 30.73 22.09 -6.12
CA THR A 234 31.41 21.60 -7.30
C THR A 234 32.60 20.77 -6.87
N TRP A 235 32.29 19.56 -6.42
CA TRP A 235 33.28 18.65 -5.85
C TRP A 235 34.47 18.63 -6.78
N ARG A 236 34.22 18.88 -8.06
CA ARG A 236 35.27 19.28 -9.01
C ARG A 236 34.99 20.72 -9.45
N ASP A 237 36.04 21.46 -9.81
CA ASP A 237 36.01 22.94 -9.98
C ASP A 237 35.85 23.75 -8.67
N ASP A 238 36.55 23.26 -7.66
CA ASP A 238 36.88 23.86 -6.35
C ASP A 238 37.83 25.06 -6.46
N ASN A 239 37.62 26.10 -5.67
CA ASN A 239 36.55 26.17 -4.66
C ASN A 239 35.29 26.89 -5.16
N SER A 240 34.15 26.19 -5.25
CA SER A 240 32.91 26.86 -5.66
C SER A 240 31.96 26.96 -4.50
N HIS A 241 31.10 27.97 -4.48
CA HIS A 241 30.08 28.00 -3.43
C HIS A 241 28.92 28.97 -3.66
N ASN A 242 27.81 28.72 -2.98
CA ASN A 242 26.63 29.59 -3.07
C ASN A 242 25.94 29.79 -1.72
N SER A 243 25.17 30.87 -1.61
CA SER A 243 24.38 31.12 -0.43
C SER A 243 23.02 31.48 -0.92
N GLN A 244 22.01 31.11 -0.18
CA GLN A 244 20.70 31.63 -0.50
C GLN A 244 19.95 31.98 0.78
N THR A 245 18.97 32.84 0.62
CA THR A 245 18.31 33.44 1.76
C THR A 245 16.89 33.66 1.34
N GLU A 246 16.00 33.44 2.29
CA GLU A 246 14.60 33.47 2.04
C GLU A 246 13.96 34.04 3.27
N VAL A 247 12.96 34.87 3.03
CA VAL A 247 12.13 35.31 4.11
C VAL A 247 10.72 34.94 3.76
N ALA A 248 9.91 34.81 4.79
CA ALA A 248 8.50 34.54 4.62
C ALA A 248 7.76 35.06 5.83
N THR A 249 6.50 35.36 5.66
CA THR A 249 5.72 35.89 6.74
C THR A 249 4.30 35.45 6.53
N THR A 250 3.60 35.22 7.63
CA THR A 250 2.25 34.71 7.53
C THR A 250 1.38 35.26 8.62
N VAL A 251 0.19 35.69 8.22
CA VAL A 251 -0.80 36.11 9.17
C VAL A 251 -2.05 35.29 8.96
N ALA A 252 -2.43 34.53 9.98
CA ALA A 252 -3.71 33.85 9.99
C ALA A 252 -4.56 34.57 11.03
N TYR A 253 -5.86 34.51 10.83
CA TYR A 253 -6.75 34.86 11.92
C TYR A 253 -8.09 34.16 11.83
N ARG A 254 -8.90 34.34 12.86
CA ARG A 254 -10.12 33.59 12.97
C ARG A 254 -11.31 34.29 13.61
N PHE A 255 -12.44 34.08 12.95
CA PHE A 255 -13.71 34.01 13.69
C PHE A 255 -14.85 33.23 13.16
N GLY A 256 -15.70 32.93 14.13
CA GLY A 256 -16.83 32.07 13.89
C GLY A 256 -16.02 31.00 13.25
N ASN A 257 -16.44 30.58 12.08
CA ASN A 257 -15.78 29.50 11.45
C ASN A 257 -14.78 29.85 10.35
N VAL A 258 -14.60 31.12 10.05
CA VAL A 258 -13.69 31.48 8.96
C VAL A 258 -12.35 31.91 9.45
N THR A 259 -11.33 31.59 8.66
CA THR A 259 -9.95 31.68 9.11
C THR A 259 -9.04 32.26 8.02
N PRO A 260 -9.19 33.56 7.73
CA PRO A 260 -8.41 34.16 6.64
C PRO A 260 -6.95 34.03 6.94
N ARG A 261 -6.12 33.88 5.90
CA ARG A 261 -4.65 33.73 6.06
C ARG A 261 -3.90 34.24 4.81
N VAL A 262 -2.66 34.68 5.02
CA VAL A 262 -1.88 35.29 3.96
C VAL A 262 -0.39 35.13 4.23
N SER A 263 0.39 35.00 3.17
CA SER A 263 1.79 34.68 3.29
C SER A 263 2.55 35.32 2.17
N TYR A 264 3.74 35.80 2.49
CA TYR A 264 4.63 36.37 1.50
C TYR A 264 5.97 35.67 1.66
N ALA A 265 6.65 35.43 0.56
CA ALA A 265 7.98 34.82 0.59
C ALA A 265 8.90 35.46 -0.43
N HIS A 266 10.00 36.04 0.02
CA HIS A 266 10.97 36.58 -0.93
C HIS A 266 12.27 35.87 -0.74
N GLY A 267 12.67 35.12 -1.75
CA GLY A 267 13.99 34.53 -1.72
C GLY A 267 14.92 35.46 -2.44
N PHE A 268 16.18 35.47 -2.03
CA PHE A 268 17.22 36.20 -2.74
C PHE A 268 17.98 35.24 -3.65
N LYS A 269 19.00 35.77 -4.32
CA LYS A 269 19.77 34.98 -5.25
C LYS A 269 21.00 34.52 -4.51
N GLY A 270 22.03 35.35 -4.59
CA GLY A 270 23.34 35.06 -4.04
C GLY A 270 24.31 36.04 -4.70
N SER A 271 25.60 35.77 -4.63
CA SER A 271 26.58 36.62 -5.32
C SER A 271 27.70 35.76 -5.92
N VAL A 272 28.67 36.42 -6.56
CA VAL A 272 29.94 35.82 -6.96
C VAL A 272 29.90 34.59 -7.89
N TYR A 273 30.75 33.58 -7.67
CA TYR A 273 30.82 32.46 -8.61
C TYR A 273 31.51 32.98 -9.87
N ASP A 274 31.93 34.22 -9.77
CA ASP A 274 32.21 35.11 -10.87
C ASP A 274 30.97 35.91 -11.32
N ALA A 275 29.73 35.49 -11.01
CA ALA A 275 28.52 36.19 -11.53
C ALA A 275 27.32 36.33 -10.54
N ASP A 276 26.71 37.51 -10.40
CA ASP A 276 25.60 37.63 -9.45
C ASP A 276 24.24 37.33 -10.07
N HIS A 277 23.90 38.13 -11.08
CA HIS A 277 22.56 38.29 -11.63
C HIS A 277 21.58 38.68 -10.54
N ASP A 278 20.35 38.24 -10.72
CA ASP A 278 19.39 38.14 -9.62
C ASP A 278 18.55 36.89 -9.86
N ASN A 279 18.75 35.91 -8.98
CA ASN A 279 18.01 34.65 -9.00
C ASN A 279 16.84 34.78 -8.04
N THR A 280 16.64 36.01 -7.57
CA THR A 280 15.59 36.35 -6.62
C THR A 280 14.22 35.84 -7.05
N TYR A 281 13.36 35.56 -6.07
CA TYR A 281 11.97 35.25 -6.36
C TYR A 281 11.03 35.92 -5.35
N ASP A 282 9.81 36.19 -5.79
CA ASP A 282 8.81 36.70 -4.86
C ASP A 282 7.59 35.79 -5.00
N GLN A 283 6.90 35.48 -3.91
CA GLN A 283 5.63 34.76 -4.01
C GLN A 283 4.70 35.07 -2.82
N VAL A 284 3.40 34.90 -3.02
CA VAL A 284 2.39 35.24 -2.01
C VAL A 284 1.15 34.39 -2.11
N VAL A 285 0.47 34.18 -0.99
CA VAL A 285 -0.71 33.35 -0.96
C VAL A 285 -1.75 33.94 -0.03
N VAL A 286 -3.00 33.80 -0.42
CA VAL A 286 -4.09 34.17 0.46
C VAL A 286 -5.26 33.24 0.23
N GLY A 287 -6.10 33.11 1.23
CA GLY A 287 -7.14 32.12 1.18
C GLY A 287 -7.71 31.97 2.58
N ALA A 288 -8.74 31.17 2.72
CA ALA A 288 -9.29 30.99 4.04
C ALA A 288 -9.82 29.60 4.16
N GLU A 289 -10.47 29.40 5.28
CA GLU A 289 -10.91 28.11 5.74
C GLU A 289 -12.23 28.42 6.35
N TYR A 290 -13.20 27.56 6.13
CA TYR A 290 -14.46 27.71 6.81
C TYR A 290 -14.78 26.40 7.50
N ASP A 291 -14.75 26.42 8.82
CA ASP A 291 -15.02 25.24 9.61
C ASP A 291 -16.51 25.09 9.67
N PHE A 292 -17.03 23.99 9.15
CA PHE A 292 -18.41 23.62 9.47
C PHE A 292 -18.28 22.94 10.82
N SER A 293 -17.14 22.27 10.99
CA SER A 293 -16.76 21.79 12.28
C SER A 293 -15.28 21.78 12.42
N LYS A 294 -14.84 21.37 13.60
CA LYS A 294 -13.44 21.25 13.94
C LYS A 294 -12.72 20.55 12.85
N ARG A 295 -13.29 19.40 12.48
CA ARG A 295 -12.79 18.43 11.51
C ARG A 295 -12.96 18.87 10.08
N THR A 296 -14.17 19.33 9.78
CA THR A 296 -14.57 19.62 8.41
C THR A 296 -14.42 21.12 8.11
N SER A 297 -13.48 21.42 7.24
CA SER A 297 -13.26 22.78 6.81
C SER A 297 -13.16 22.85 5.31
N ALA A 298 -13.90 23.79 4.76
CA ALA A 298 -13.82 24.15 3.36
C ALA A 298 -12.59 25.04 3.20
N LEU A 299 -11.86 24.80 2.12
CA LEU A 299 -10.63 25.53 1.89
C LEU A 299 -10.73 26.29 0.55
N VAL A 300 -10.28 27.55 0.59
CA VAL A 300 -10.10 28.33 -0.62
C VAL A 300 -8.74 29.00 -0.63
N SER A 301 -8.05 28.89 -1.78
CA SER A 301 -6.65 29.33 -1.89
C SER A 301 -6.28 29.99 -3.23
N ALA A 302 -5.55 31.10 -3.15
CA ALA A 302 -4.97 31.73 -4.32
C ALA A 302 -3.52 32.07 -4.03
N GLY A 303 -2.59 31.46 -4.76
CA GLY A 303 -1.21 31.92 -4.77
C GLY A 303 -0.73 32.61 -6.04
N TRP A 304 0.45 33.26 -5.93
CA TRP A 304 1.17 33.84 -7.05
C TRP A 304 2.68 33.74 -6.80
N LEU A 305 3.48 33.49 -7.83
CA LEU A 305 4.94 33.51 -7.69
C LEU A 305 5.59 34.07 -8.94
N GLN A 306 6.79 34.62 -8.76
CA GLN A 306 7.62 35.07 -9.85
C GLN A 306 9.09 34.72 -9.60
N LYS A 307 9.66 33.98 -10.57
CA LYS A 307 11.09 33.62 -10.58
C LYS A 307 11.89 34.53 -11.51
N GLY A 308 13.09 34.93 -11.06
CA GLY A 308 13.95 35.83 -11.83
C GLY A 308 13.23 37.14 -12.11
N LYS A 309 13.74 37.88 -13.09
CA LYS A 309 13.07 39.09 -13.61
C LYS A 309 13.49 39.34 -15.07
N GLY A 310 12.88 40.33 -15.73
CA GLY A 310 13.25 40.74 -17.09
C GLY A 310 12.87 39.93 -18.33
N ALA A 311 13.83 39.75 -19.24
CA ALA A 311 13.60 39.04 -20.51
C ALA A 311 13.63 37.50 -20.40
N GLU A 312 14.54 36.95 -19.59
CA GLU A 312 14.42 35.53 -19.18
C GLU A 312 13.84 35.42 -17.79
N LYS A 313 12.58 34.97 -17.68
CA LYS A 313 11.93 35.01 -16.36
C LYS A 313 10.62 34.22 -16.27
N PHE A 314 9.99 34.22 -15.10
CA PHE A 314 8.91 33.29 -14.86
C PHE A 314 7.84 33.83 -13.91
N VAL A 315 6.59 33.50 -14.20
CA VAL A 315 5.49 33.85 -13.32
C VAL A 315 4.49 32.71 -13.28
N ALA A 316 3.78 32.55 -12.17
CA ALA A 316 2.75 31.53 -12.07
C ALA A 316 1.65 31.89 -11.07
N THR A 317 0.43 31.48 -11.39
CA THR A 317 -0.71 31.87 -10.56
C THR A 317 -1.67 30.70 -10.34
N VAL A 318 -1.88 30.31 -9.08
CA VAL A 318 -2.76 29.16 -8.76
C VAL A 318 -3.96 29.56 -7.89
N GLY A 319 -5.09 28.89 -8.07
CA GLY A 319 -6.21 29.05 -7.17
C GLY A 319 -7.04 27.79 -7.15
N GLY A 320 -7.76 27.55 -6.07
CA GLY A 320 -8.61 26.37 -5.98
C GLY A 320 -9.47 26.30 -4.74
N VAL A 321 -10.42 25.36 -4.75
CA VAL A 321 -11.18 25.03 -3.56
C VAL A 321 -10.82 23.62 -3.14
N GLY A 322 -11.28 23.22 -1.98
CA GLY A 322 -10.98 21.91 -1.51
C GLY A 322 -11.74 21.69 -0.25
N LEU A 323 -11.96 20.43 0.08
CA LEU A 323 -12.51 20.09 1.37
C LEU A 323 -11.45 19.32 2.17
N ARG A 324 -11.50 19.51 3.49
CA ARG A 324 -10.72 18.68 4.35
C ARG A 324 -11.55 18.25 5.53
N HIS A 325 -11.58 16.94 5.70
CA HIS A 325 -12.13 16.28 6.88
C HIS A 325 -11.02 15.55 7.53
N LYS A 326 -10.71 15.97 8.75
CA LYS A 326 -9.72 15.33 9.58
C LYS A 326 -10.41 14.22 10.40
N PHE A 327 -9.70 13.11 10.65
CA PHE A 327 -10.17 12.09 11.60
C PHE A 327 -9.01 11.35 12.33
N ASP B 20 -18.38 8.36 13.73
CA ASP B 20 -18.86 7.58 12.59
C ASP B 20 -17.73 7.23 11.61
N VAL B 21 -16.74 6.50 12.10
CA VAL B 21 -15.72 5.90 11.23
C VAL B 21 -16.04 4.41 11.04
N THR B 22 -15.69 3.91 9.86
CA THR B 22 -15.97 2.53 9.54
C THR B 22 -14.84 1.92 8.75
N LEU B 23 -14.44 0.73 9.17
CA LEU B 23 -13.59 -0.10 8.35
C LEU B 23 -14.43 -1.25 7.79
N TYR B 24 -14.21 -1.54 6.52
CA TYR B 24 -15.07 -2.42 5.78
C TYR B 24 -14.27 -2.99 4.62
N GLY B 25 -14.91 -3.81 3.79
CA GLY B 25 -14.26 -4.44 2.66
C GLY B 25 -14.87 -5.81 2.41
N THR B 26 -14.23 -6.56 1.53
CA THR B 26 -14.58 -7.96 1.33
C THR B 26 -13.38 -8.77 0.83
N ILE B 27 -13.28 -10.02 1.30
CA ILE B 27 -12.25 -10.95 0.84
C ILE B 27 -12.86 -12.17 0.16
N LYS B 28 -12.44 -12.38 -1.08
CA LYS B 28 -12.93 -13.50 -1.83
C LYS B 28 -11.75 -13.96 -2.64
N ALA B 29 -11.57 -15.28 -2.67
CA ALA B 29 -10.52 -15.92 -3.47
C ALA B 29 -10.92 -17.35 -3.88
N GLY B 30 -10.03 -18.04 -4.55
CA GLY B 30 -10.37 -19.40 -4.92
C GLY B 30 -9.73 -19.72 -6.24
N VAL B 31 -10.09 -20.87 -6.78
CA VAL B 31 -9.38 -21.44 -7.93
C VAL B 31 -10.08 -21.27 -9.30
N GLU B 32 -9.26 -21.06 -10.32
CA GLU B 32 -9.73 -20.86 -11.68
C GLU B 32 -9.15 -21.89 -12.57
N THR B 33 -9.99 -22.69 -13.16
CA THR B 33 -9.51 -23.54 -14.20
C THR B 33 -10.02 -22.85 -15.46
N SER B 34 -9.16 -22.73 -16.47
CA SER B 34 -9.49 -21.96 -17.66
C SER B 34 -8.91 -22.59 -18.89
N ARG B 35 -9.54 -22.37 -20.04
CA ARG B 35 -9.05 -22.91 -21.28
C ARG B 35 -9.34 -21.98 -22.44
N SER B 36 -8.43 -21.93 -23.39
CA SER B 36 -8.65 -21.18 -24.62
C SER B 36 -8.53 -22.07 -25.83
N VAL B 37 -9.36 -21.79 -26.84
CA VAL B 37 -9.21 -22.43 -28.13
C VAL B 37 -9.00 -21.32 -29.13
N ALA B 38 -7.77 -21.22 -29.63
CA ALA B 38 -7.40 -20.17 -30.56
C ALA B 38 -7.42 -20.72 -31.98
N HIS B 39 -8.27 -20.15 -32.83
CA HIS B 39 -8.43 -20.70 -34.17
C HIS B 39 -7.55 -20.13 -35.24
N HIS B 40 -7.20 -21.13 -36.02
CA HIS B 40 -6.02 -21.37 -36.76
C HIS B 40 -6.39 -22.04 -38.10
N GLY B 41 -6.10 -21.30 -39.16
CA GLY B 41 -6.16 -21.76 -40.54
C GLY B 41 -4.78 -22.35 -40.70
N ALA B 42 -4.31 -22.79 -39.54
CA ALA B 42 -2.95 -23.14 -39.20
C ALA B 42 -1.92 -22.02 -39.39
N GLN B 43 -0.68 -22.41 -39.67
CA GLN B 43 0.47 -21.57 -39.32
C GLN B 43 0.29 -21.22 -37.83
N ALA B 44 -0.59 -21.98 -37.16
CA ALA B 44 -1.24 -21.54 -35.91
C ALA B 44 -1.84 -22.72 -35.15
N ASP B 45 -2.63 -22.44 -34.12
CA ASP B 45 -2.57 -23.34 -32.98
C ASP B 45 -3.63 -23.04 -31.95
N ARG B 46 -3.78 -23.93 -30.98
CA ARG B 46 -4.84 -23.78 -30.01
C ARG B 46 -4.27 -23.91 -28.61
N VAL B 47 -4.23 -22.78 -27.90
CA VAL B 47 -3.54 -22.71 -26.62
C VAL B 47 -4.32 -23.44 -25.55
N LYS B 48 -4.01 -23.18 -24.30
CA LYS B 48 -4.39 -24.15 -23.33
C LYS B 48 -4.94 -23.66 -22.03
N THR B 49 -5.30 -24.65 -21.21
CA THR B 49 -5.73 -24.48 -19.86
C THR B 49 -4.65 -23.76 -19.08
N ALA B 50 -5.10 -22.95 -18.13
CA ALA B 50 -4.26 -22.46 -17.08
C ALA B 50 -5.11 -22.71 -15.85
N THR B 51 -4.48 -23.13 -14.77
CA THR B 51 -5.23 -23.38 -13.55
C THR B 51 -4.54 -22.75 -12.35
N GLU B 52 -5.20 -21.79 -11.72
CA GLU B 52 -4.54 -20.97 -10.73
C GLU B 52 -5.39 -20.63 -9.53
N ILE B 53 -4.71 -20.26 -8.45
CA ILE B 53 -5.35 -19.65 -7.31
C ILE B 53 -5.37 -18.14 -7.57
N ALA B 54 -6.54 -17.54 -7.40
CA ALA B 54 -6.74 -16.16 -7.78
C ALA B 54 -7.56 -15.48 -6.70
N ASP B 55 -7.16 -14.27 -6.37
CA ASP B 55 -7.94 -13.44 -5.46
C ASP B 55 -9.03 -12.82 -6.31
N LEU B 56 -10.29 -13.03 -5.95
CA LEU B 56 -11.37 -12.53 -6.78
C LEU B 56 -11.78 -11.15 -6.29
N GLY B 57 -11.39 -10.10 -7.02
CA GLY B 57 -11.78 -8.73 -6.70
C GLY B 57 -11.68 -8.27 -5.25
N SER B 58 -10.72 -8.81 -4.50
CA SER B 58 -10.71 -8.60 -3.07
C SER B 58 -10.29 -7.19 -2.76
N LYS B 59 -10.85 -6.58 -1.71
CA LYS B 59 -10.43 -5.21 -1.32
C LYS B 59 -10.88 -4.68 0.03
N ILE B 60 -10.25 -3.57 0.41
CA ILE B 60 -10.37 -3.02 1.75
C ILE B 60 -10.76 -1.56 1.71
N GLY B 61 -11.51 -1.11 2.70
CA GLY B 61 -11.85 0.29 2.76
C GLY B 61 -12.10 0.83 4.14
N PHE B 62 -11.89 2.15 4.27
CA PHE B 62 -12.23 2.89 5.46
C PHE B 62 -13.08 4.01 4.95
N LYS B 63 -13.83 4.62 5.83
CA LYS B 63 -14.68 5.73 5.42
C LYS B 63 -15.54 6.26 6.56
N GLY B 64 -16.26 7.35 6.33
CA GLY B 64 -17.15 7.86 7.35
C GLY B 64 -18.00 9.05 6.95
N GLN B 65 -18.74 9.55 7.93
CA GLN B 65 -19.59 10.72 7.75
C GLN B 65 -19.71 11.47 9.08
N GLU B 66 -19.95 12.77 9.02
CA GLU B 66 -20.11 13.62 10.21
C GLU B 66 -21.37 14.49 10.16
N ASP B 67 -21.91 14.82 11.32
CA ASP B 67 -23.01 15.77 11.45
C ASP B 67 -22.74 16.75 12.61
N LEU B 68 -23.70 17.62 12.90
CA LEU B 68 -23.57 18.66 13.94
C LEU B 68 -22.55 19.78 13.68
N GLY B 69 -22.39 20.21 12.43
CA GLY B 69 -23.16 19.70 11.32
C GLY B 69 -24.52 20.36 11.22
N ASN B 70 -25.35 19.80 10.36
CA ASN B 70 -26.65 20.35 10.02
C ASN B 70 -27.52 19.26 9.42
N GLY B 71 -28.55 19.68 8.68
CA GLY B 71 -29.23 18.77 7.79
C GLY B 71 -28.22 18.17 6.86
N LEU B 72 -27.08 18.85 6.75
CA LEU B 72 -25.91 18.35 6.00
C LEU B 72 -25.12 17.25 6.74
N LYS B 73 -24.37 16.44 6.00
CA LYS B 73 -23.44 15.46 6.58
C LYS B 73 -22.21 15.41 5.69
N ALA B 74 -21.05 15.12 6.29
CA ALA B 74 -19.79 15.02 5.54
C ALA B 74 -19.49 13.58 5.27
N ILE B 75 -19.17 13.27 4.03
CA ILE B 75 -18.86 11.90 3.69
C ILE B 75 -17.45 11.86 3.11
N TRP B 76 -16.72 10.83 3.49
CA TRP B 76 -15.41 10.60 2.92
C TRP B 76 -15.23 9.12 2.85
N GLN B 77 -14.41 8.67 1.91
CA GLN B 77 -14.06 7.26 1.82
C GLN B 77 -12.69 7.07 1.25
N LEU B 78 -12.00 6.05 1.74
CA LEU B 78 -10.77 5.61 1.09
C LEU B 78 -10.77 4.10 0.96
N GLU B 79 -10.84 3.60 -0.27
CA GLU B 79 -10.90 2.18 -0.47
C GLU B 79 -9.83 1.84 -1.49
N GLN B 80 -9.18 0.70 -1.32
CA GLN B 80 -8.11 0.21 -2.21
C GLN B 80 -8.14 -1.30 -2.47
N LYS B 81 -7.38 -1.72 -3.46
CA LYS B 81 -7.34 -3.13 -3.83
C LYS B 81 -6.46 -3.83 -2.84
N ALA B 82 -7.07 -4.75 -2.10
CA ALA B 82 -6.32 -5.63 -1.21
C ALA B 82 -6.36 -7.04 -1.75
N TYR B 83 -5.28 -7.48 -2.35
CA TYR B 83 -5.25 -8.83 -2.85
C TYR B 83 -4.63 -9.71 -1.80
N VAL B 84 -5.45 -10.64 -1.32
CA VAL B 84 -5.02 -11.79 -0.55
C VAL B 84 -3.90 -12.52 -1.29
N SER B 85 -3.99 -12.60 -2.61
CA SER B 85 -2.88 -13.11 -3.40
C SER B 85 -1.72 -12.10 -3.55
N GLY B 86 -1.95 -10.84 -3.22
CA GLY B 86 -0.89 -9.84 -3.22
C GLY B 86 -0.12 -9.71 -4.54
N THR B 87 -0.85 -9.64 -5.63
CA THR B 87 -0.26 -9.39 -6.94
C THR B 87 -0.20 -7.86 -7.09
N ASP B 88 -0.50 -7.16 -5.98
CA ASP B 88 -0.87 -5.74 -6.00
C ASP B 88 0.08 -4.70 -5.40
N THR B 89 -0.41 -3.46 -5.39
CA THR B 89 0.29 -2.29 -4.88
C THR B 89 -0.72 -1.18 -4.61
N GLY B 90 -0.41 -0.25 -3.71
CA GLY B 90 -1.16 1.00 -3.65
C GLY B 90 -2.35 1.30 -2.73
N TRP B 91 -2.86 2.54 -2.86
CA TRP B 91 -3.94 3.12 -2.06
C TRP B 91 -4.98 3.88 -2.91
N GLY B 92 -6.21 3.93 -2.42
CA GLY B 92 -7.25 4.69 -3.09
C GLY B 92 -7.39 4.46 -4.59
N ASN B 93 -7.04 3.25 -5.08
CA ASN B 93 -7.28 2.80 -6.47
C ASN B 93 -8.65 2.13 -6.59
N ARG B 94 -9.35 2.08 -5.47
CA ARG B 94 -10.74 1.73 -5.43
C ARG B 94 -11.55 2.99 -5.59
N GLN B 95 -12.83 2.92 -5.29
CA GLN B 95 -13.58 4.15 -5.26
C GLN B 95 -13.37 4.85 -3.91
N SER B 96 -12.67 5.98 -3.95
CA SER B 96 -12.42 6.78 -2.79
C SER B 96 -12.75 8.24 -3.12
N PHE B 97 -13.19 8.98 -2.10
CA PHE B 97 -13.65 10.34 -2.34
C PHE B 97 -13.74 11.20 -1.07
N ILE B 98 -14.16 12.44 -1.32
CA ILE B 98 -14.73 13.31 -0.29
C ILE B 98 -15.89 14.18 -0.84
N GLY B 99 -16.91 14.37 -0.03
CA GLY B 99 -18.09 15.05 -0.48
C GLY B 99 -19.07 15.27 0.65
N LEU B 100 -20.29 15.71 0.30
CA LEU B 100 -21.36 15.98 1.25
C LEU B 100 -22.71 15.47 0.78
N LYS B 101 -23.55 15.12 1.73
CA LYS B 101 -24.91 14.73 1.41
C LYS B 101 -25.81 15.62 2.25
N GLY B 102 -27.06 15.81 1.82
CA GLY B 102 -27.98 16.70 2.51
C GLY B 102 -29.33 16.68 1.83
N GLY B 103 -30.13 17.72 2.05
CA GLY B 103 -31.41 17.79 1.39
C GLY B 103 -31.15 17.44 -0.06
N PHE B 104 -30.08 18.02 -0.60
CA PHE B 104 -29.80 18.00 -2.02
C PHE B 104 -29.11 16.73 -2.57
N GLY B 105 -28.80 15.79 -1.68
CA GLY B 105 -28.09 14.59 -2.09
C GLY B 105 -26.59 14.69 -1.93
N LYS B 106 -25.85 13.89 -2.69
CA LYS B 106 -24.40 13.79 -2.50
C LYS B 106 -23.59 14.40 -3.62
N VAL B 107 -22.73 15.36 -3.30
CA VAL B 107 -21.65 15.74 -4.24
C VAL B 107 -20.32 15.21 -3.71
N ARG B 108 -19.52 14.59 -4.58
CA ARG B 108 -18.34 13.89 -4.12
C ARG B 108 -17.27 13.95 -5.19
N VAL B 109 -16.00 13.80 -4.78
CA VAL B 109 -14.88 13.97 -5.71
C VAL B 109 -13.67 13.07 -5.37
N GLY B 110 -12.78 12.95 -6.35
CA GLY B 110 -11.69 11.99 -6.24
C GLY B 110 -11.90 10.80 -7.16
N ARG B 111 -11.16 9.71 -6.96
CA ARG B 111 -11.39 8.49 -7.73
C ARG B 111 -12.82 8.06 -7.49
N LEU B 112 -13.60 7.92 -8.56
CA LEU B 112 -15.04 7.69 -8.45
C LEU B 112 -15.51 6.84 -9.62
N ASN B 113 -16.62 6.12 -9.41
CA ASN B 113 -17.14 5.19 -10.40
C ASN B 113 -17.94 5.79 -11.56
N ASN B 114 -17.66 5.32 -12.77
CA ASN B 114 -18.38 5.72 -13.97
C ASN B 114 -19.85 5.57 -13.65
N ILE B 115 -20.69 6.36 -14.30
CA ILE B 115 -22.14 6.17 -14.24
C ILE B 115 -22.57 4.81 -14.84
N LEU B 116 -21.91 4.42 -15.94
CA LEU B 116 -22.01 3.07 -16.50
C LEU B 116 -21.56 1.99 -15.51
N LYS B 117 -20.56 2.29 -14.70
CA LYS B 117 -20.07 1.36 -13.69
C LYS B 117 -21.06 1.11 -12.55
N ASP B 118 -21.78 2.15 -12.14
CA ASP B 118 -22.81 1.98 -11.11
C ASP B 118 -24.22 1.53 -11.61
N THR B 119 -24.45 1.32 -12.92
CA THR B 119 -25.65 0.51 -13.22
C THR B 119 -25.29 -0.92 -12.84
N GLY B 120 -24.59 -1.60 -13.74
CA GLY B 120 -23.63 -2.64 -13.40
C GLY B 120 -24.11 -3.79 -12.55
N ASN B 121 -25.39 -3.77 -12.18
CA ASN B 121 -25.95 -4.72 -11.21
C ASN B 121 -26.23 -6.07 -11.82
N PHE B 122 -26.25 -6.06 -13.15
CA PHE B 122 -26.64 -7.18 -13.99
C PHE B 122 -25.43 -8.08 -14.26
N ASN B 123 -24.30 -7.73 -13.66
CA ASN B 123 -23.06 -8.42 -13.97
C ASN B 123 -22.26 -8.73 -12.70
N PRO B 124 -22.88 -9.40 -11.73
CA PRO B 124 -22.25 -9.56 -10.41
C PRO B 124 -21.50 -10.86 -10.28
N TRP B 125 -20.58 -11.14 -11.21
CA TRP B 125 -19.86 -12.39 -11.18
C TRP B 125 -18.48 -12.17 -10.59
N GLU B 126 -18.28 -12.66 -9.37
CA GLU B 126 -16.98 -12.54 -8.68
C GLU B 126 -16.02 -13.19 -9.63
N GLY B 127 -14.87 -12.58 -9.87
CA GLY B 127 -14.11 -12.97 -11.04
C GLY B 127 -12.62 -12.88 -10.90
N LYS B 128 -11.91 -13.26 -11.96
CA LYS B 128 -10.45 -13.21 -11.92
C LYS B 128 -9.76 -12.86 -13.23
N SER B 129 -8.44 -13.04 -13.24
CA SER B 129 -7.54 -12.50 -14.27
C SER B 129 -8.12 -12.71 -15.65
N TYR B 130 -8.72 -13.89 -15.87
CA TYR B 130 -9.61 -14.09 -17.01
C TYR B 130 -11.09 -14.08 -16.55
N TYR B 131 -11.85 -13.10 -17.02
CA TYR B 131 -13.30 -13.22 -17.24
C TYR B 131 -14.16 -14.26 -16.56
N SER B 132 -14.64 -14.05 -15.34
CA SER B 132 -15.81 -14.82 -14.99
C SER B 132 -16.90 -14.50 -16.05
N GLY B 133 -17.20 -13.20 -16.18
CA GLY B 133 -18.13 -12.64 -17.17
C GLY B 133 -18.73 -11.47 -16.41
N LEU B 134 -19.58 -10.63 -17.02
CA LEU B 134 -19.74 -10.50 -18.46
C LEU B 134 -18.91 -9.26 -18.80
N SER B 135 -17.78 -9.47 -19.46
CA SER B 135 -16.77 -8.44 -19.55
C SER B 135 -16.91 -7.47 -20.70
N ASN B 136 -16.85 -7.96 -21.93
CA ASN B 136 -16.82 -7.07 -23.09
C ASN B 136 -17.90 -6.00 -23.08
N ILE B 137 -19.03 -6.32 -22.45
CA ILE B 137 -20.11 -5.37 -22.22
C ILE B 137 -19.86 -4.44 -21.04
N ALA B 138 -19.02 -4.85 -20.09
CA ALA B 138 -18.68 -4.02 -18.95
C ALA B 138 -17.35 -3.25 -19.13
N GLN B 139 -16.73 -3.35 -20.31
CA GLN B 139 -15.47 -2.66 -20.64
C GLN B 139 -15.42 -1.15 -20.29
N PRO B 140 -16.47 -0.37 -20.62
CA PRO B 140 -16.48 1.01 -20.13
C PRO B 140 -17.25 1.16 -18.82
N GLU B 141 -16.83 0.43 -17.79
CA GLU B 141 -17.28 0.71 -16.43
C GLU B 141 -16.02 1.02 -15.64
N GLU B 142 -15.82 2.29 -15.29
CA GLU B 142 -14.52 2.71 -14.79
C GLU B 142 -14.52 3.46 -13.45
N ARG B 143 -13.33 3.87 -13.05
CA ARG B 143 -13.16 4.82 -11.96
C ARG B 143 -12.18 5.84 -12.49
N HIS B 144 -12.54 7.11 -12.41
CA HIS B 144 -11.65 8.17 -12.84
C HIS B 144 -11.56 9.19 -11.74
N VAL B 145 -10.51 10.00 -11.76
CA VAL B 145 -10.48 11.09 -10.80
C VAL B 145 -11.37 12.22 -11.33
N SER B 146 -12.44 12.50 -10.60
CA SER B 146 -13.54 13.26 -11.17
C SER B 146 -14.47 13.84 -10.12
N VAL B 147 -15.56 14.39 -10.64
CA VAL B 147 -16.61 14.96 -9.81
C VAL B 147 -17.99 14.31 -10.07
N ARG B 148 -18.74 14.05 -9.02
CA ARG B 148 -20.07 13.46 -9.20
C ARG B 148 -21.14 14.06 -8.27
N TYR B 149 -22.28 14.39 -8.88
CA TYR B 149 -23.53 14.70 -8.15
C TYR B 149 -24.54 13.58 -8.37
N ASP B 150 -25.11 13.14 -7.27
CA ASP B 150 -26.18 12.16 -7.28
C ASP B 150 -27.34 12.78 -6.52
N SER B 151 -28.46 12.99 -7.22
CA SER B 151 -29.63 13.64 -6.68
C SER B 151 -30.36 12.63 -5.86
N PRO B 152 -31.05 13.06 -4.78
CA PRO B 152 -31.74 12.10 -3.89
C PRO B 152 -32.90 11.37 -4.59
N GLU B 153 -33.67 10.56 -3.87
CA GLU B 153 -34.82 9.89 -4.47
C GLU B 153 -36.03 10.77 -4.45
N PHE B 154 -36.76 10.85 -5.57
CA PHE B 154 -38.13 11.33 -5.52
C PHE B 154 -39.05 10.44 -6.34
N ALA B 155 -39.96 9.75 -5.67
CA ALA B 155 -40.84 8.76 -6.32
C ALA B 155 -40.07 7.71 -7.10
N GLY B 156 -39.06 7.11 -6.46
CA GLY B 156 -38.25 6.08 -7.11
C GLY B 156 -37.28 6.62 -8.13
N PHE B 157 -37.14 7.95 -8.17
CA PHE B 157 -36.35 8.61 -9.21
C PHE B 157 -34.98 9.05 -8.74
N SER B 158 -33.99 8.92 -9.62
CA SER B 158 -32.62 9.28 -9.26
C SER B 158 -31.79 9.69 -10.45
N GLY B 159 -30.76 10.50 -10.22
CA GLY B 159 -29.94 10.99 -11.32
C GLY B 159 -28.56 11.42 -10.90
N SER B 160 -27.63 11.41 -11.84
CA SER B 160 -26.29 11.77 -11.48
C SER B 160 -25.50 12.20 -12.69
N VAL B 161 -24.44 12.92 -12.38
CA VAL B 161 -23.57 13.50 -13.39
C VAL B 161 -22.13 13.53 -12.87
N GLN B 162 -21.17 13.47 -13.80
CA GLN B 162 -19.79 13.24 -13.54
C GLN B 162 -18.91 13.93 -14.54
N TYR B 163 -17.89 14.61 -14.05
CA TYR B 163 -16.93 15.20 -14.95
C TYR B 163 -15.60 14.56 -14.73
N VAL B 164 -14.95 14.20 -15.84
CA VAL B 164 -13.60 13.64 -15.80
C VAL B 164 -12.70 14.60 -16.53
N PRO B 165 -12.17 15.59 -15.80
CA PRO B 165 -11.37 16.61 -16.44
C PRO B 165 -10.11 16.02 -16.98
N ASN B 166 -9.53 15.06 -16.26
CA ASN B 166 -8.09 14.84 -16.43
C ASN B 166 -7.55 14.25 -17.72
N ASP B 167 -6.73 15.08 -18.35
CA ASP B 167 -6.76 16.52 -18.01
C ASP B 167 -6.80 17.33 -19.31
N ASN B 168 -5.68 17.30 -20.04
CA ASN B 168 -5.70 17.63 -21.46
C ASN B 168 -5.97 18.99 -21.99
N SER B 169 -5.67 20.04 -21.25
CA SER B 169 -5.47 21.36 -21.92
C SER B 169 -4.28 22.15 -21.45
N GLY B 170 -3.26 22.21 -22.30
CA GLY B 170 -2.99 21.23 -23.35
C GLY B 170 -3.75 21.26 -24.65
N LYS B 171 -3.93 20.06 -25.21
CA LYS B 171 -4.59 19.87 -26.49
C LYS B 171 -6.10 19.91 -26.36
N ASN B 172 -6.79 19.51 -27.43
CA ASN B 172 -8.23 19.29 -27.35
C ASN B 172 -8.55 18.26 -26.27
N ARG B 173 -9.56 18.58 -25.49
CA ARG B 173 -9.80 17.95 -24.20
C ARG B 173 -10.23 16.49 -24.22
N SER B 174 -9.48 15.64 -23.53
CA SER B 174 -9.83 14.22 -23.38
C SER B 174 -10.71 14.06 -22.15
N GLU B 175 -11.10 15.17 -21.53
CA GLU B 175 -12.05 15.09 -20.44
C GLU B 175 -13.29 14.44 -20.97
N SER B 176 -13.92 13.68 -20.09
CA SER B 176 -15.12 12.99 -20.47
C SER B 176 -16.23 13.31 -19.49
N TYR B 177 -17.35 12.72 -19.84
CA TYR B 177 -18.62 13.25 -19.45
C TYR B 177 -19.64 12.18 -19.13
N HIS B 178 -20.21 12.19 -17.93
CA HIS B 178 -20.92 10.99 -17.50
C HIS B 178 -22.22 11.29 -16.78
N ALA B 179 -23.33 10.70 -17.21
CA ALA B 179 -24.49 10.81 -16.36
C ALA B 179 -25.54 9.79 -16.70
N GLY B 180 -26.39 9.55 -15.71
CA GLY B 180 -27.46 8.61 -15.87
C GLY B 180 -28.61 8.88 -14.94
N PHE B 181 -29.70 8.18 -15.17
CA PHE B 181 -30.83 8.27 -14.29
C PHE B 181 -31.27 6.85 -13.94
N ASN B 182 -32.02 6.75 -12.85
CA ASN B 182 -32.48 5.49 -12.37
C ASN B 182 -33.89 5.58 -11.86
N TYR B 183 -34.75 4.72 -12.43
CA TYR B 183 -36.06 4.51 -11.87
C TYR B 183 -36.15 3.14 -11.19
N LYS B 184 -36.69 3.13 -9.98
CA LYS B 184 -37.13 1.87 -9.36
C LYS B 184 -38.52 2.04 -8.79
N ASN B 185 -39.46 1.31 -9.37
CA ASN B 185 -40.77 1.20 -8.80
C ASN B 185 -41.20 -0.25 -8.56
N ASP B 186 -41.41 -0.56 -7.28
CA ASP B 186 -41.87 -1.87 -6.83
C ASP B 186 -41.07 -3.02 -7.42
N GLY B 187 -39.84 -3.14 -6.96
CA GLY B 187 -38.95 -4.20 -7.41
C GLY B 187 -38.68 -4.13 -8.90
N PHE B 188 -38.89 -2.95 -9.45
CA PHE B 188 -38.78 -2.78 -10.87
C PHE B 188 -37.85 -1.64 -11.18
N PHE B 189 -37.07 -1.77 -12.24
CA PHE B 189 -36.07 -0.76 -12.44
C PHE B 189 -35.65 -0.61 -13.88
N VAL B 190 -35.12 0.56 -14.14
CA VAL B 190 -34.42 0.82 -15.36
C VAL B 190 -33.35 1.84 -15.01
N GLN B 191 -32.21 1.69 -15.65
CA GLN B 191 -31.14 2.59 -15.38
C GLN B 191 -30.52 2.95 -16.70
N TYR B 192 -30.57 4.25 -17.02
CA TYR B 192 -29.74 4.74 -18.10
C TYR B 192 -28.43 5.30 -17.57
N ALA B 193 -27.38 4.99 -18.31
CA ALA B 193 -26.07 5.49 -17.99
C ALA B 193 -25.43 5.85 -19.30
N GLY B 194 -24.72 6.96 -19.32
CA GLY B 194 -24.14 7.38 -20.56
C GLY B 194 -22.84 8.10 -20.31
N SER B 195 -21.98 8.03 -21.32
CA SER B 195 -20.64 8.55 -21.28
C SER B 195 -20.38 9.14 -22.64
N TYR B 196 -19.64 10.24 -22.65
CA TYR B 196 -19.22 10.86 -23.88
C TYR B 196 -17.84 11.40 -23.62
N LYS B 197 -17.02 11.46 -24.65
CA LYS B 197 -15.67 11.92 -24.46
C LYS B 197 -15.30 12.89 -25.54
N ARG B 198 -15.04 14.13 -25.11
CA ARG B 198 -14.70 15.24 -26.00
C ARG B 198 -13.53 14.86 -26.88
N HIS B 199 -12.57 14.14 -26.30
CA HIS B 199 -11.45 13.66 -27.08
C HIS B 199 -10.79 12.47 -26.44
N ASN B 200 -10.19 11.63 -27.28
CA ASN B 200 -9.28 10.59 -26.81
C ASN B 200 -8.36 10.35 -27.98
N TYR B 201 -7.08 10.08 -27.73
CA TYR B 201 -6.23 9.66 -28.82
C TYR B 201 -6.55 8.18 -29.12
N THR B 202 -6.84 8.00 -30.42
CA THR B 202 -7.52 6.90 -31.19
C THR B 202 -9.01 6.78 -31.11
N THR B 203 -9.64 7.56 -30.26
CA THR B 203 -10.99 7.89 -30.57
C THR B 203 -11.24 9.35 -30.30
N GLU B 204 -11.61 10.02 -31.37
CA GLU B 204 -12.13 11.35 -31.25
C GLU B 204 -13.54 11.18 -30.70
N LYS B 205 -13.95 12.07 -29.80
CA LYS B 205 -15.36 12.22 -29.42
C LYS B 205 -16.17 10.93 -29.37
N HIS B 206 -16.02 10.16 -28.29
CA HIS B 206 -16.60 8.82 -28.19
C HIS B 206 -17.78 8.65 -27.23
N GLN B 207 -18.79 7.87 -27.62
CA GLN B 207 -20.01 7.79 -26.82
C GLN B 207 -20.40 6.36 -26.45
N VAL B 208 -20.89 6.23 -25.23
CA VAL B 208 -21.35 4.95 -24.72
C VAL B 208 -22.71 5.12 -24.04
N HIS B 209 -23.67 4.27 -24.38
CA HIS B 209 -25.01 4.35 -23.86
C HIS B 209 -25.49 3.00 -23.37
N ARG B 210 -26.16 3.03 -22.22
CA ARG B 210 -26.67 1.81 -21.62
C ARG B 210 -28.04 2.00 -21.00
N LEU B 211 -28.96 1.10 -21.34
CA LEU B 211 -30.21 1.02 -20.62
C LEU B 211 -30.24 -0.35 -19.99
N VAL B 212 -30.75 -0.41 -18.77
CA VAL B 212 -30.92 -1.66 -18.07
C VAL B 212 -32.33 -1.65 -17.57
N GLY B 213 -33.01 -2.77 -17.60
CA GLY B 213 -34.32 -2.80 -16.99
C GLY B 213 -34.55 -4.20 -16.47
N GLY B 214 -35.42 -4.32 -15.47
CA GLY B 214 -35.71 -5.64 -14.98
C GLY B 214 -36.45 -5.58 -13.68
N TYR B 215 -36.63 -6.75 -13.08
CA TYR B 215 -37.21 -6.84 -11.76
C TYR B 215 -36.04 -7.17 -10.88
N ASP B 216 -35.93 -6.42 -9.78
CA ASP B 216 -34.99 -6.76 -8.75
C ASP B 216 -35.77 -6.75 -7.46
N HIS B 217 -35.96 -7.92 -6.85
CA HIS B 217 -36.59 -7.93 -5.54
C HIS B 217 -36.87 -9.35 -5.07
N ASP B 218 -37.02 -9.50 -3.74
CA ASP B 218 -37.56 -10.70 -3.11
C ASP B 218 -37.07 -12.01 -3.71
N ALA B 219 -35.78 -12.31 -3.60
CA ALA B 219 -35.26 -13.60 -4.03
C ALA B 219 -35.27 -13.85 -5.54
N LEU B 220 -35.77 -12.88 -6.30
CA LEU B 220 -35.72 -12.94 -7.74
C LEU B 220 -35.11 -11.68 -8.35
N TYR B 221 -34.23 -11.88 -9.33
CA TYR B 221 -33.77 -10.78 -10.12
C TYR B 221 -33.70 -11.21 -11.58
N ALA B 222 -34.14 -10.33 -12.48
CA ALA B 222 -33.99 -10.56 -13.91
C ALA B 222 -33.74 -9.21 -14.51
N SER B 223 -32.85 -9.15 -15.48
CA SER B 223 -32.57 -7.89 -16.15
C SER B 223 -32.13 -8.09 -17.59
N VAL B 224 -32.58 -7.20 -18.47
CA VAL B 224 -31.96 -7.08 -19.77
C VAL B 224 -31.33 -5.71 -19.88
N ALA B 225 -30.09 -5.68 -20.34
CA ALA B 225 -29.40 -4.44 -20.54
C ALA B 225 -28.84 -4.41 -21.95
N VAL B 226 -28.68 -3.20 -22.45
CA VAL B 226 -28.25 -3.00 -23.81
C VAL B 226 -27.30 -1.84 -23.75
N GLN B 227 -26.16 -2.01 -24.40
CA GLN B 227 -25.22 -0.91 -24.54
C GLN B 227 -24.83 -0.75 -25.98
N GLN B 228 -24.68 0.47 -26.40
CA GLN B 228 -24.20 0.75 -27.72
C GLN B 228 -23.07 1.74 -27.51
N GLN B 229 -22.15 1.79 -28.46
CA GLN B 229 -21.07 2.74 -28.42
C GLN B 229 -20.87 3.21 -29.81
N ASP B 230 -20.90 4.53 -29.98
CA ASP B 230 -20.73 5.07 -31.31
C ASP B 230 -19.49 5.94 -31.24
N ALA B 231 -18.57 5.72 -32.18
CA ALA B 231 -17.25 6.35 -32.12
C ALA B 231 -16.72 6.86 -33.44
N LYS B 232 -16.30 8.12 -33.41
CA LYS B 232 -15.59 8.77 -34.51
C LYS B 232 -14.16 8.25 -34.46
N LEU B 233 -13.48 8.13 -35.59
CA LEU B 233 -12.12 7.58 -35.61
C LEU B 233 -11.17 8.43 -36.45
N THR B 234 -10.20 9.04 -35.74
CA THR B 234 -9.22 9.96 -36.31
C THR B 234 -7.88 9.33 -36.59
N TRP B 235 -7.75 8.02 -36.37
CA TRP B 235 -6.45 7.43 -36.07
C TRP B 235 -5.41 8.07 -36.99
N ARG B 236 -5.50 7.77 -38.28
CA ARG B 236 -5.03 8.72 -39.27
C ARG B 236 -6.37 9.20 -39.81
N ASP B 237 -6.98 8.36 -40.66
CA ASP B 237 -8.43 8.16 -40.73
C ASP B 237 -9.44 9.35 -40.63
N ASP B 238 -9.64 10.14 -41.69
CA ASP B 238 -10.85 10.98 -41.72
C ASP B 238 -11.57 10.98 -43.07
N ASN B 239 -12.87 10.69 -43.09
CA ASN B 239 -13.69 10.40 -41.91
C ASN B 239 -13.87 8.89 -41.67
N SER B 240 -13.38 8.38 -40.54
CA SER B 240 -13.54 6.97 -40.18
C SER B 240 -14.47 6.84 -38.99
N HIS B 241 -15.13 5.69 -38.83
CA HIS B 241 -15.96 5.51 -37.64
C HIS B 241 -16.54 4.10 -37.48
N ASN B 242 -16.92 3.79 -36.24
CA ASN B 242 -17.44 2.47 -35.90
C ASN B 242 -18.57 2.56 -34.88
N SER B 243 -19.41 1.52 -34.86
CA SER B 243 -20.46 1.40 -33.88
C SER B 243 -20.39 0.02 -33.32
N GLN B 244 -20.68 -0.11 -32.04
CA GLN B 244 -20.87 -1.44 -31.52
C GLN B 244 -22.09 -1.50 -30.63
N THR B 245 -22.56 -2.71 -30.45
CA THR B 245 -23.78 -2.92 -29.73
C THR B 245 -23.63 -4.22 -29.00
N GLU B 246 -24.19 -4.25 -27.81
CA GLU B 246 -24.09 -5.38 -26.95
C GLU B 246 -25.39 -5.51 -26.19
N VAL B 247 -25.81 -6.76 -26.04
CA VAL B 247 -26.93 -7.06 -25.21
C VAL B 247 -26.45 -8.01 -24.19
N ALA B 248 -27.12 -7.99 -23.05
CA ALA B 248 -26.84 -8.93 -22.01
C ALA B 248 -28.10 -9.09 -21.21
N THR B 249 -28.18 -10.23 -20.52
CA THR B 249 -29.35 -10.55 -19.72
C THR B 249 -28.93 -11.43 -18.57
N THR B 250 -29.56 -11.23 -17.43
CA THR B 250 -29.20 -11.96 -16.24
C THR B 250 -30.39 -12.31 -15.39
N VAL B 251 -30.42 -13.55 -14.95
CA VAL B 251 -31.42 -14.01 -14.02
C VAL B 251 -30.72 -14.55 -12.83
N ALA B 252 -30.97 -13.93 -11.69
CA ALA B 252 -30.52 -14.45 -10.42
C ALA B 252 -31.77 -14.89 -9.70
N TYR B 253 -31.65 -15.89 -8.83
CA TYR B 253 -32.70 -16.21 -7.89
C TYR B 253 -32.21 -16.83 -6.60
N ARG B 254 -33.11 -16.94 -5.62
CA ARG B 254 -32.69 -17.38 -4.32
C ARG B 254 -33.65 -18.25 -3.54
N PHE B 255 -33.05 -19.23 -2.87
CA PHE B 255 -33.68 -19.88 -1.71
C PHE B 255 -32.74 -20.32 -0.65
N GLY B 256 -33.26 -20.32 0.57
CA GLY B 256 -32.50 -20.81 1.69
C GLY B 256 -31.26 -20.03 1.38
N ASN B 257 -30.16 -20.74 1.34
CA ASN B 257 -28.92 -20.08 1.12
C ASN B 257 -28.32 -20.13 -0.29
N VAL B 258 -28.98 -20.81 -1.21
CA VAL B 258 -28.44 -20.87 -2.57
C VAL B 258 -29.06 -19.85 -3.53
N THR B 259 -28.24 -19.37 -4.46
CA THR B 259 -28.57 -18.21 -5.29
C THR B 259 -28.14 -18.43 -6.74
N PRO B 260 -28.81 -19.35 -7.43
CA PRO B 260 -28.38 -19.65 -8.79
C PRO B 260 -28.44 -18.39 -9.63
N ARG B 261 -27.59 -18.29 -10.64
CA ARG B 261 -27.62 -17.13 -11.52
C ARG B 261 -27.06 -17.45 -12.91
N VAL B 262 -27.51 -16.71 -13.92
CA VAL B 262 -27.11 -16.98 -15.29
C VAL B 262 -27.16 -15.72 -16.12
N SER B 263 -26.29 -15.61 -17.11
CA SER B 263 -26.11 -14.39 -17.90
C SER B 263 -25.66 -14.70 -19.31
N TYR B 264 -26.21 -13.95 -20.25
CA TYR B 264 -25.86 -14.12 -21.64
C TYR B 264 -25.42 -12.75 -22.09
N ALA B 265 -24.43 -12.68 -22.98
CA ALA B 265 -24.08 -11.42 -23.62
C ALA B 265 -23.74 -11.62 -25.10
N HIS B 266 -24.44 -10.92 -25.98
CA HIS B 266 -24.11 -11.00 -27.39
C HIS B 266 -23.76 -9.64 -27.85
N GLY B 267 -22.51 -9.46 -28.23
CA GLY B 267 -22.10 -8.24 -28.86
C GLY B 267 -22.20 -8.40 -30.35
N PHE B 268 -22.48 -7.32 -31.06
CA PHE B 268 -22.43 -7.34 -32.51
C PHE B 268 -21.10 -6.76 -32.97
N LYS B 269 -20.96 -6.64 -34.28
CA LYS B 269 -19.71 -6.21 -34.90
C LYS B 269 -19.44 -4.70 -34.84
N GLY B 270 -18.17 -4.33 -34.94
CA GLY B 270 -17.82 -2.99 -35.35
C GLY B 270 -18.10 -2.98 -36.83
N SER B 271 -18.96 -2.07 -37.29
CA SER B 271 -19.43 -2.14 -38.68
C SER B 271 -18.86 -1.02 -39.55
N VAL B 272 -17.94 -1.38 -40.44
CA VAL B 272 -17.34 -0.46 -41.42
C VAL B 272 -16.24 -1.11 -42.27
N TYR B 273 -15.69 -0.31 -43.19
CA TYR B 273 -14.54 -0.67 -44.02
C TYR B 273 -14.75 -1.73 -45.11
N ASP B 274 -15.92 -1.69 -45.76
CA ASP B 274 -16.17 -2.38 -47.04
C ASP B 274 -16.15 -3.90 -46.93
N ALA B 275 -15.61 -4.39 -45.82
CA ALA B 275 -15.99 -5.69 -45.35
C ALA B 275 -16.37 -5.45 -43.89
N ASP B 276 -17.68 -5.49 -43.67
CA ASP B 276 -18.29 -5.49 -42.35
C ASP B 276 -17.66 -6.63 -41.52
N HIS B 277 -17.47 -7.76 -42.18
CA HIS B 277 -17.22 -9.06 -41.56
C HIS B 277 -18.30 -9.37 -40.55
N ASP B 278 -17.92 -10.15 -39.53
CA ASP B 278 -18.67 -10.24 -38.31
C ASP B 278 -17.64 -10.30 -37.16
N ASN B 279 -17.61 -9.23 -36.37
CA ASN B 279 -16.76 -9.11 -35.19
C ASN B 279 -17.58 -9.49 -33.95
N THR B 280 -18.77 -10.03 -34.24
CA THR B 280 -19.74 -10.46 -33.24
C THR B 280 -19.12 -11.38 -32.20
N TYR B 281 -19.65 -11.34 -30.98
CA TYR B 281 -19.23 -12.31 -29.97
C TYR B 281 -20.43 -12.85 -29.18
N ASP B 282 -20.33 -14.07 -28.68
CA ASP B 282 -21.38 -14.55 -27.78
C ASP B 282 -20.70 -15.04 -26.52
N GLN B 283 -21.31 -14.85 -25.36
CA GLN B 283 -20.78 -15.40 -24.11
C GLN B 283 -21.87 -15.63 -23.04
N VAL B 284 -21.61 -16.54 -22.11
CA VAL B 284 -22.60 -16.91 -21.12
C VAL B 284 -21.96 -17.39 -19.83
N VAL B 285 -22.66 -17.18 -18.71
CA VAL B 285 -22.17 -17.55 -17.41
C VAL B 285 -23.25 -18.12 -16.54
N VAL B 286 -22.92 -19.14 -15.77
CA VAL B 286 -23.84 -19.63 -14.79
C VAL B 286 -23.07 -20.10 -13.59
N GLY B 287 -23.72 -20.10 -12.45
CA GLY B 287 -23.06 -20.44 -11.22
C GLY B 287 -23.99 -20.05 -10.10
N ALA B 288 -23.58 -20.34 -8.88
CA ALA B 288 -24.39 -20.03 -7.74
C ALA B 288 -23.54 -19.61 -6.58
N GLU B 289 -24.24 -19.39 -5.49
CA GLU B 289 -23.71 -18.83 -4.29
C GLU B 289 -24.41 -19.59 -3.22
N TYR B 290 -23.66 -19.98 -2.20
CA TYR B 290 -24.26 -20.59 -1.04
C TYR B 290 -23.87 -19.80 0.22
N ASP B 291 -24.85 -19.11 0.80
CA ASP B 291 -24.60 -18.28 1.95
C ASP B 291 -24.56 -19.22 3.12
N PHE B 292 -23.46 -19.27 3.85
CA PHE B 292 -23.48 -19.90 5.15
C PHE B 292 -24.02 -18.80 6.04
N SER B 293 -23.73 -17.58 5.63
CA SER B 293 -24.34 -16.43 6.26
C SER B 293 -24.39 -15.32 5.25
N LYS B 294 -24.97 -14.22 5.68
CA LYS B 294 -25.08 -13.01 4.92
C LYS B 294 -23.75 -12.69 4.27
N ARG B 295 -22.71 -12.72 5.10
CA ARG B 295 -21.34 -12.32 4.78
C ARG B 295 -20.59 -13.41 4.01
N THR B 296 -20.72 -14.63 4.50
CA THR B 296 -19.91 -15.72 4.03
C THR B 296 -20.67 -16.52 2.99
N SER B 297 -20.22 -16.45 1.75
CA SER B 297 -20.85 -17.17 0.67
C SER B 297 -19.82 -17.91 -0.16
N ALA B 298 -20.10 -19.18 -0.40
CA ALA B 298 -19.30 -20.01 -1.28
C ALA B 298 -19.74 -19.72 -2.69
N LEU B 299 -18.79 -19.63 -3.60
CA LEU B 299 -19.11 -19.22 -4.94
C LEU B 299 -18.69 -20.31 -5.92
N VAL B 300 -19.56 -20.61 -6.87
CA VAL B 300 -19.23 -21.49 -7.99
C VAL B 300 -19.64 -20.92 -9.35
N SER B 301 -18.73 -20.96 -10.33
CA SER B 301 -18.94 -20.24 -11.59
C SER B 301 -18.37 -20.94 -12.81
N ALA B 302 -19.13 -20.89 -13.88
CA ALA B 302 -18.69 -21.40 -15.16
C ALA B 302 -19.14 -20.44 -16.22
N GLY B 303 -18.18 -19.86 -16.92
CA GLY B 303 -18.46 -19.14 -18.14
C GLY B 303 -17.98 -19.79 -19.42
N TRP B 304 -18.45 -19.24 -20.54
CA TRP B 304 -18.00 -19.60 -21.88
C TRP B 304 -18.09 -18.35 -22.77
N LEU B 305 -17.13 -18.17 -23.67
CA LEU B 305 -17.18 -17.08 -24.66
C LEU B 305 -16.65 -17.50 -26.02
N GLN B 306 -17.14 -16.85 -27.06
CA GLN B 306 -16.62 -17.05 -28.40
C GLN B 306 -16.55 -15.73 -29.12
N LYS B 307 -15.37 -15.43 -29.64
CA LYS B 307 -15.11 -14.25 -30.48
C LYS B 307 -15.03 -14.63 -31.95
N GLY B 308 -15.57 -13.77 -32.81
CA GLY B 308 -15.58 -14.03 -34.24
C GLY B 308 -16.30 -15.33 -34.55
N LYS B 309 -16.07 -15.83 -35.76
CA LYS B 309 -16.57 -17.15 -36.19
C LYS B 309 -15.68 -17.71 -37.32
N GLY B 310 -15.84 -18.99 -37.64
CA GLY B 310 -15.14 -19.58 -38.79
C GLY B 310 -13.70 -20.06 -38.66
N ALA B 311 -12.90 -19.78 -39.70
CA ALA B 311 -11.49 -20.20 -39.76
C ALA B 311 -10.51 -19.35 -38.94
N GLU B 312 -10.70 -18.02 -38.90
CA GLU B 312 -10.02 -17.18 -37.87
C GLU B 312 -11.01 -16.83 -36.76
N LYS B 313 -10.84 -17.42 -35.58
CA LYS B 313 -11.81 -17.22 -34.49
C LYS B 313 -11.34 -17.68 -33.14
N PHE B 314 -12.21 -17.58 -32.14
CA PHE B 314 -11.78 -17.76 -30.78
C PHE B 314 -12.86 -18.33 -29.86
N VAL B 315 -12.46 -19.16 -28.92
CA VAL B 315 -13.38 -19.69 -27.92
C VAL B 315 -12.66 -19.77 -26.59
N ALA B 316 -13.37 -19.63 -25.46
CA ALA B 316 -12.76 -19.76 -24.15
C ALA B 316 -13.73 -20.19 -23.08
N THR B 317 -13.26 -20.98 -22.13
CA THR B 317 -14.15 -21.61 -21.16
C THR B 317 -13.51 -21.54 -19.77
N VAL B 318 -14.19 -20.94 -18.81
CA VAL B 318 -13.66 -20.80 -17.46
C VAL B 318 -14.58 -21.39 -16.40
N GLY B 319 -14.04 -21.90 -15.32
CA GLY B 319 -14.86 -22.30 -14.20
C GLY B 319 -14.04 -22.33 -12.94
N GLY B 320 -14.68 -22.16 -11.80
CA GLY B 320 -13.98 -22.14 -10.54
C GLY B 320 -14.84 -22.11 -9.30
N VAL B 321 -14.19 -22.32 -8.15
CA VAL B 321 -14.81 -22.06 -6.85
C VAL B 321 -14.13 -20.86 -6.17
N GLY B 322 -14.67 -20.49 -5.03
CA GLY B 322 -14.12 -19.36 -4.33
C GLY B 322 -14.91 -19.17 -3.08
N LEU B 323 -14.35 -18.43 -2.17
CA LEU B 323 -15.09 -18.00 -1.01
C LEU B 323 -15.11 -16.49 -0.97
N ARG B 324 -16.17 -15.98 -0.40
CA ARG B 324 -16.20 -14.58 -0.12
C ARG B 324 -16.78 -14.31 1.25
N HIS B 325 -15.99 -13.63 2.04
CA HIS B 325 -16.44 -13.10 3.30
C HIS B 325 -16.38 -11.59 3.23
N LYS B 326 -17.56 -10.99 3.30
CA LYS B 326 -17.71 -9.54 3.38
C LYS B 326 -17.58 -9.04 4.82
N PHE B 327 -17.00 -7.86 5.00
CA PHE B 327 -16.99 -7.19 6.32
C PHE B 327 -16.96 -5.66 6.23
N ASP C 20 -16.34 -9.76 15.10
CA ASP C 20 -15.01 -10.33 15.33
C ASP C 20 -14.02 -9.89 14.25
N VAL C 21 -13.82 -8.57 14.14
CA VAL C 21 -12.77 -8.04 13.30
C VAL C 21 -11.61 -7.64 14.20
N THR C 22 -10.41 -7.79 13.69
CA THR C 22 -9.22 -7.50 14.45
C THR C 22 -8.18 -6.81 13.58
N LEU C 23 -7.66 -5.70 14.11
CA LEU C 23 -6.44 -5.08 13.60
C LEU C 23 -5.26 -5.36 14.55
N TYR C 24 -4.15 -5.76 13.96
CA TYR C 24 -3.06 -6.29 14.71
C TYR C 24 -1.80 -6.05 13.89
N GLY C 25 -0.67 -6.53 14.40
CA GLY C 25 0.60 -6.34 13.74
C GLY C 25 1.70 -6.24 14.78
N THR C 26 2.88 -5.84 14.32
CA THR C 26 3.98 -5.49 15.20
C THR C 26 4.93 -4.50 14.51
N ILE C 27 5.50 -3.60 15.32
CA ILE C 27 6.52 -2.64 14.87
C ILE C 27 7.84 -2.78 15.65
N LYS C 28 8.91 -3.04 14.90
CA LYS C 28 10.21 -3.26 15.50
C LYS C 28 11.20 -2.66 14.54
N ALA C 29 12.14 -1.88 15.08
CA ALA C 29 13.17 -1.22 14.29
C ALA C 29 14.40 -1.00 15.13
N GLY C 30 15.41 -0.38 14.55
CA GLY C 30 16.59 -0.08 15.32
C GLY C 30 17.79 -0.17 14.42
N VAL C 31 18.98 -0.18 15.02
CA VAL C 31 20.22 -0.03 14.30
C VAL C 31 20.99 -1.32 14.10
N GLU C 32 21.69 -1.38 12.96
CA GLU C 32 22.53 -2.50 12.53
C GLU C 32 23.91 -2.06 12.23
N THR C 33 24.85 -2.52 13.00
CA THR C 33 26.22 -2.30 12.65
C THR C 33 26.65 -3.65 12.07
N SER C 34 27.31 -3.63 10.92
CA SER C 34 27.59 -4.86 10.19
C SER C 34 28.96 -4.79 9.56
N ARG C 35 29.60 -5.95 9.37
CA ARG C 35 30.90 -5.98 8.73
C ARG C 35 31.08 -7.26 7.93
N SER C 36 31.80 -7.12 6.81
CA SER C 36 32.15 -8.28 5.99
C SER C 36 33.65 -8.39 5.83
N VAL C 37 34.16 -9.61 5.84
CA VAL C 37 35.53 -9.88 5.45
C VAL C 37 35.50 -10.82 4.26
N ALA C 38 35.83 -10.27 3.09
CA ALA C 38 35.79 -11.00 1.84
C ALA C 38 37.18 -11.49 1.48
N HIS C 39 37.35 -12.80 1.42
CA HIS C 39 38.68 -13.32 1.19
C HIS C 39 39.11 -13.56 -0.23
N HIS C 40 40.39 -13.22 -0.31
CA HIS C 40 41.09 -12.63 -1.38
C HIS C 40 42.52 -13.17 -1.43
N GLY C 41 42.84 -13.70 -2.60
CA GLY C 41 44.21 -13.65 -3.10
C GLY C 41 44.23 -12.25 -3.70
N ALA C 42 43.27 -11.45 -3.25
CA ALA C 42 42.68 -10.32 -3.97
C ALA C 42 41.89 -10.66 -5.29
N GLN C 43 41.98 -9.82 -6.33
CA GLN C 43 40.88 -9.56 -7.31
C GLN C 43 39.85 -9.05 -6.39
N ALA C 44 40.38 -8.66 -5.27
CA ALA C 44 39.66 -8.82 -4.07
C ALA C 44 40.53 -8.29 -2.99
N ASP C 45 39.93 -8.38 -1.84
CA ASP C 45 39.91 -7.24 -1.01
C ASP C 45 38.92 -7.62 0.04
N ARG C 46 38.85 -6.80 1.05
CA ARG C 46 37.99 -7.13 2.17
C ARG C 46 37.10 -5.94 2.46
N VAL C 47 35.81 -6.11 2.16
CA VAL C 47 34.86 -4.99 2.22
C VAL C 47 34.57 -4.62 3.66
N LYS C 48 33.50 -3.90 3.89
CA LYS C 48 33.46 -3.19 5.12
C LYS C 48 32.15 -3.11 5.84
N THR C 49 32.24 -2.49 7.01
CA THR C 49 31.12 -2.18 7.85
C THR C 49 30.12 -1.38 7.06
N ALA C 50 28.85 -1.61 7.37
CA ALA C 50 27.79 -0.71 6.98
C ALA C 50 27.01 -0.54 8.27
N THR C 51 26.57 0.67 8.56
CA THR C 51 25.82 0.91 9.79
C THR C 51 24.55 1.68 9.50
N GLU C 52 23.40 1.07 9.73
CA GLU C 52 22.14 1.67 9.29
C GLU C 52 20.98 1.50 10.23
N ILE C 53 20.01 2.38 10.11
CA ILE C 53 18.75 2.22 10.80
C ILE C 53 17.91 1.35 9.92
N ALA C 54 17.31 0.34 10.52
CA ALA C 54 16.64 -0.67 9.76
C ALA C 54 15.34 -1.02 10.49
N ASP C 55 14.26 -1.16 9.73
CA ASP C 55 13.01 -1.70 10.24
C ASP C 55 13.15 -3.19 10.26
N LEU C 56 12.97 -3.77 11.45
CA LEU C 56 13.14 -5.23 11.60
C LEU C 56 11.80 -5.93 11.39
N GLY C 57 11.63 -6.52 10.19
CA GLY C 57 10.48 -7.32 9.85
C GLY C 57 9.10 -6.76 10.19
N SER C 58 8.97 -5.43 10.13
CA SER C 58 7.80 -4.82 10.73
C SER C 58 6.60 -5.08 9.84
N LYS C 59 5.39 -5.11 10.40
CA LYS C 59 4.20 -5.36 9.55
C LYS C 59 2.84 -5.26 10.22
N ILE C 60 1.82 -5.16 9.37
CA ILE C 60 0.48 -4.80 9.78
C ILE C 60 -0.55 -5.77 9.24
N GLY C 61 -1.59 -6.02 10.01
CA GLY C 61 -2.65 -6.86 9.51
C GLY C 61 -4.04 -6.63 10.07
N PHE C 62 -5.02 -7.09 9.29
CA PHE C 62 -6.39 -7.10 9.72
C PHE C 62 -6.81 -8.53 9.47
N LYS C 63 -7.90 -8.91 10.10
CA LYS C 63 -8.40 -10.26 9.92
C LYS C 63 -9.57 -10.54 10.83
N GLY C 64 -10.22 -11.69 10.66
CA GLY C 64 -11.34 -12.01 11.52
C GLY C 64 -11.89 -13.41 11.30
N GLN C 65 -13.01 -13.67 11.96
CA GLN C 65 -13.74 -14.94 11.88
C GLN C 65 -15.22 -14.67 12.18
N GLU C 66 -16.12 -15.51 11.63
CA GLU C 66 -17.56 -15.39 11.87
C GLU C 66 -18.17 -16.75 12.28
N ASP C 67 -19.28 -16.69 13.03
CA ASP C 67 -20.09 -17.87 13.38
C ASP C 67 -21.58 -17.58 13.21
N LEU C 68 -22.44 -18.54 13.59
CA LEU C 68 -23.91 -18.42 13.42
C LEU C 68 -24.43 -18.38 11.97
N GLY C 69 -23.81 -19.13 11.05
CA GLY C 69 -22.68 -19.98 11.37
C GLY C 69 -23.14 -21.30 11.95
N ASN C 70 -22.18 -22.06 12.49
CA ASN C 70 -22.42 -23.42 12.97
C ASN C 70 -21.27 -23.83 13.88
N GLY C 71 -21.10 -25.14 14.07
CA GLY C 71 -19.85 -25.65 14.59
C GLY C 71 -18.69 -25.10 13.76
N LEU C 72 -19.01 -24.69 12.53
CA LEU C 72 -18.07 -24.01 11.63
C LEU C 72 -17.80 -22.53 11.99
N LYS C 73 -16.68 -22.00 11.50
CA LYS C 73 -16.37 -20.56 11.60
C LYS C 73 -15.62 -20.14 10.34
N ALA C 74 -15.81 -18.88 9.93
CA ALA C 74 -15.14 -18.35 8.76
C ALA C 74 -13.93 -17.54 9.18
N ILE C 75 -12.81 -17.81 8.55
CA ILE C 75 -11.60 -17.10 8.90
C ILE C 75 -11.06 -16.42 7.67
N TRP C 76 -10.59 -15.19 7.85
CA TRP C 76 -9.96 -14.45 6.77
C TRP C 76 -8.88 -13.64 7.42
N GLN C 77 -7.88 -13.31 6.63
CA GLN C 77 -6.84 -12.40 7.07
C GLN C 77 -6.22 -11.69 5.91
N LEU C 78 -5.84 -10.44 6.16
CA LEU C 78 -5.04 -9.67 5.23
C LEU C 78 -3.90 -9.00 5.99
N GLU C 79 -2.68 -9.44 5.73
CA GLU C 79 -1.51 -8.91 6.41
C GLU C 79 -0.51 -8.48 5.34
N GLN C 80 0.18 -7.35 5.56
CA GLN C 80 1.18 -6.87 4.63
C GLN C 80 2.38 -6.24 5.31
N LYS C 81 3.45 -6.06 4.55
CA LYS C 81 4.68 -5.52 5.11
C LYS C 81 4.47 -4.03 5.34
N ALA C 82 4.59 -3.62 6.60
CA ALA C 82 4.57 -2.21 6.91
C ALA C 82 5.94 -1.86 7.41
N TYR C 83 6.73 -1.19 6.59
CA TYR C 83 8.02 -0.74 7.06
C TYR C 83 7.90 0.67 7.58
N VAL C 84 8.16 0.81 8.88
CA VAL C 84 8.39 2.10 9.53
C VAL C 84 9.46 2.89 8.75
N SER C 85 10.46 2.18 8.22
CA SER C 85 11.49 2.79 7.37
C SER C 85 10.97 3.05 5.95
N GLY C 86 9.87 2.41 5.60
CA GLY C 86 9.22 2.62 4.32
C GLY C 86 10.10 2.42 3.08
N THR C 87 10.81 1.31 3.07
CA THR C 87 11.60 0.91 1.91
C THR C 87 10.65 0.11 0.99
N ASP C 88 9.35 0.16 1.33
CA ASP C 88 8.36 -0.82 0.85
C ASP C 88 7.24 -0.34 -0.08
N THR C 89 6.36 -1.30 -0.38
CA THR C 89 5.22 -1.12 -1.26
C THR C 89 4.22 -2.24 -0.98
N GLY C 90 2.95 -2.06 -1.30
CA GLY C 90 2.01 -3.16 -1.41
C GLY C 90 1.06 -3.62 -0.30
N TRP C 91 0.28 -4.66 -0.64
CA TRP C 91 -0.76 -5.30 0.20
C TRP C 91 -0.74 -6.84 0.14
N GLY C 92 -1.13 -7.49 1.24
CA GLY C 92 -1.22 -8.93 1.27
C GLY C 92 0.02 -9.71 0.79
N ASN C 93 1.21 -9.14 0.99
CA ASN C 93 2.53 -9.79 0.72
C ASN C 93 3.02 -10.48 1.99
N ARG C 94 2.22 -10.32 3.04
CA ARG C 94 2.33 -11.08 4.26
C ARG C 94 1.55 -12.36 4.11
N GLN C 95 1.32 -13.08 5.22
CA GLN C 95 0.40 -14.19 5.11
C GLN C 95 -1.04 -13.67 5.17
N SER C 96 -1.75 -13.82 4.06
CA SER C 96 -3.15 -13.45 4.02
C SER C 96 -3.94 -14.53 3.27
N PHE C 97 -5.18 -14.71 3.68
CA PHE C 97 -5.94 -15.82 3.19
C PHE C 97 -7.46 -15.65 3.40
N ILE C 98 -8.17 -16.67 2.94
CA ILE C 98 -9.54 -16.93 3.38
C ILE C 98 -9.75 -18.43 3.51
N GLY C 99 -10.54 -18.83 4.50
CA GLY C 99 -10.80 -20.23 4.76
C GLY C 99 -11.82 -20.48 5.87
N LEU C 100 -11.86 -21.72 6.35
CA LEU C 100 -12.81 -22.14 7.39
C LEU C 100 -12.20 -23.11 8.39
N LYS C 101 -12.69 -23.02 9.62
CA LYS C 101 -12.25 -23.92 10.65
C LYS C 101 -13.50 -24.56 11.22
N GLY C 102 -13.36 -25.76 11.75
CA GLY C 102 -14.51 -26.49 12.25
C GLY C 102 -14.08 -27.75 12.95
N GLY C 103 -15.00 -28.71 13.08
CA GLY C 103 -14.63 -29.98 13.67
C GLY C 103 -13.34 -30.39 12.99
N PHE C 104 -13.32 -30.21 11.67
CA PHE C 104 -12.25 -30.74 10.81
C PHE C 104 -10.97 -29.90 10.73
N GLY C 105 -10.93 -28.75 11.42
CA GLY C 105 -9.77 -27.87 11.39
C GLY C 105 -9.87 -26.78 10.34
N LYS C 106 -8.72 -26.24 9.90
CA LYS C 106 -8.70 -25.12 8.99
C LYS C 106 -8.29 -25.49 7.55
N VAL C 107 -9.16 -25.20 6.59
CA VAL C 107 -8.70 -25.07 5.19
C VAL C 107 -8.66 -23.59 4.75
N ARG C 108 -7.57 -23.18 4.11
CA ARG C 108 -7.35 -21.76 3.84
C ARG C 108 -6.57 -21.59 2.52
N VAL C 109 -6.69 -20.42 1.92
CA VAL C 109 -6.08 -20.20 0.62
C VAL C 109 -5.63 -18.75 0.40
N GLY C 110 -4.79 -18.55 -0.60
CA GLY C 110 -4.17 -17.26 -0.82
C GLY C 110 -2.69 -17.31 -0.47
N ARG C 111 -2.06 -16.15 -0.35
CA ARG C 111 -0.68 -16.11 0.11
C ARG C 111 -0.61 -16.75 1.46
N LEU C 112 0.18 -17.82 1.57
CA LEU C 112 0.20 -18.66 2.76
C LEU C 112 1.60 -19.21 3.03
N ASN C 113 1.87 -19.50 4.30
CA ASN C 113 3.20 -19.92 4.72
C ASN C 113 3.57 -21.39 4.40
N ASN C 114 4.79 -21.55 3.89
CA ASN C 114 5.38 -22.85 3.62
C ASN C 114 5.25 -23.65 4.89
N ILE C 115 5.11 -24.97 4.74
CA ILE C 115 5.13 -25.89 5.90
C ILE C 115 6.48 -25.80 6.66
N LEU C 116 7.59 -25.69 5.91
CA LEU C 116 8.90 -25.42 6.48
C LEU C 116 8.91 -24.08 7.20
N LYS C 117 8.15 -23.10 6.68
CA LYS C 117 8.09 -21.76 7.27
C LYS C 117 7.44 -21.73 8.66
N ASP C 118 6.43 -22.56 8.86
CA ASP C 118 5.74 -22.60 10.15
C ASP C 118 6.35 -23.58 11.17
N THR C 119 7.45 -24.26 10.84
CA THR C 119 8.13 -24.94 11.94
C THR C 119 8.84 -23.78 12.59
N GLY C 120 9.99 -23.42 12.03
CA GLY C 120 10.56 -22.08 12.08
C GLY C 120 10.69 -21.42 13.43
N ASN C 121 10.39 -22.15 14.50
CA ASN C 121 10.29 -21.55 15.83
C ASN C 121 11.66 -21.41 16.47
N PHE C 122 12.60 -22.10 15.85
CA PHE C 122 13.95 -22.28 16.34
C PHE C 122 14.82 -21.17 15.82
N ASN C 123 14.21 -20.23 15.12
CA ASN C 123 14.95 -19.16 14.47
C ASN C 123 14.30 -17.79 14.66
N PRO C 124 14.03 -17.38 15.92
CA PRO C 124 13.24 -16.17 16.15
C PRO C 124 14.10 -14.93 16.37
N TRP C 125 14.99 -14.64 15.42
CA TRP C 125 15.86 -13.49 15.57
C TRP C 125 15.32 -12.35 14.73
N GLU C 126 14.78 -11.34 15.41
CA GLU C 126 14.29 -10.13 14.74
C GLU C 126 15.49 -9.64 13.98
N GLY C 127 15.30 -9.21 12.73
CA GLY C 127 16.46 -9.07 11.87
C GLY C 127 16.35 -8.03 10.80
N LYS C 128 17.39 -7.92 9.97
CA LYS C 128 17.37 -6.91 8.92
C LYS C 128 18.10 -7.28 7.64
N SER C 129 18.28 -6.26 6.79
CA SER C 129 18.67 -6.44 5.40
C SER C 129 19.81 -7.46 5.30
N TYR C 130 20.77 -7.38 6.23
CA TYR C 130 21.68 -8.49 6.45
C TYR C 130 21.26 -9.29 7.67
N TYR C 131 21.42 -10.61 7.54
CA TYR C 131 20.98 -11.61 8.49
C TYR C 131 21.31 -11.35 9.97
N SER C 132 20.27 -11.32 10.80
CA SER C 132 20.51 -11.48 12.22
C SER C 132 20.98 -12.95 12.36
N GLY C 133 20.17 -13.86 11.81
CA GLY C 133 20.44 -15.29 11.71
C GLY C 133 19.07 -15.90 11.86
N LEU C 134 18.89 -17.21 11.74
CA LEU C 134 19.83 -18.12 11.11
C LEU C 134 19.25 -18.35 9.71
N SER C 135 19.91 -17.79 8.71
CA SER C 135 19.30 -17.65 7.40
C SER C 135 19.44 -18.84 6.46
N ASN C 136 20.67 -19.18 6.11
CA ASN C 136 20.87 -20.18 5.06
C ASN C 136 20.08 -21.47 5.28
N ILE C 137 19.79 -21.74 6.56
CA ILE C 137 18.94 -22.86 6.93
C ILE C 137 17.46 -22.54 6.78
N ALA C 138 17.11 -21.27 6.85
CA ALA C 138 15.72 -20.87 6.67
C ALA C 138 15.37 -20.42 5.25
N GLN C 139 16.34 -20.54 4.34
CA GLN C 139 16.14 -20.18 2.92
C GLN C 139 14.85 -20.70 2.24
N PRO C 140 14.50 -21.97 2.45
CA PRO C 140 13.19 -22.40 1.95
C PRO C 140 12.10 -22.33 3.03
N GLU C 141 11.86 -21.15 3.57
CA GLU C 141 10.67 -20.92 4.38
C GLU C 141 9.94 -19.80 3.69
N GLU C 142 8.81 -20.10 3.06
CA GLU C 142 8.25 -19.13 2.12
C GLU C 142 6.78 -18.82 2.35
N ARG C 143 6.24 -17.99 1.47
CA ARG C 143 4.80 -17.77 1.37
C ARG C 143 4.50 -17.87 -0.10
N HIS C 144 3.55 -18.71 -0.48
CA HIS C 144 3.18 -18.84 -1.86
C HIS C 144 1.68 -18.67 -1.97
N VAL C 145 1.20 -18.32 -3.16
CA VAL C 145 -0.24 -18.33 -3.33
C VAL C 145 -0.67 -19.78 -3.54
N SER C 146 -1.47 -20.29 -2.61
CA SER C 146 -1.58 -21.73 -2.47
C SER C 146 -2.76 -22.13 -1.61
N VAL C 147 -2.83 -23.44 -1.36
CA VAL C 147 -3.88 -24.03 -0.54
C VAL C 147 -3.34 -24.86 0.64
N ARG C 148 -3.96 -24.70 1.81
CA ARG C 148 -3.49 -25.42 2.99
C ARG C 148 -4.62 -26.03 3.84
N TYR C 149 -4.46 -27.31 4.18
CA TYR C 149 -5.25 -27.91 5.25
C TYR C 149 -4.36 -28.17 6.46
N ASP C 150 -4.89 -27.80 7.62
CA ASP C 150 -4.23 -28.04 8.89
C ASP C 150 -5.25 -28.75 9.75
N SER C 151 -4.98 -30.01 10.07
CA SER C 151 -5.84 -30.87 10.88
C SER C 151 -5.77 -30.40 12.32
N PRO C 152 -6.86 -30.58 13.09
CA PRO C 152 -6.87 -30.13 14.49
C PRO C 152 -5.97 -30.99 15.38
N GLU C 153 -5.91 -30.72 16.68
CA GLU C 153 -5.07 -31.50 17.57
C GLU C 153 -5.76 -32.77 17.95
N PHE C 154 -5.02 -33.87 17.95
CA PHE C 154 -5.45 -35.05 18.71
C PHE C 154 -4.28 -35.67 19.48
N ALA C 155 -4.34 -35.61 20.80
CA ALA C 155 -3.25 -36.08 21.65
C ALA C 155 -1.91 -35.43 21.28
N GLY C 156 -1.91 -34.10 21.16
CA GLY C 156 -0.72 -33.34 20.84
C GLY C 156 -0.32 -33.45 19.38
N PHE C 157 -1.18 -34.06 18.57
CA PHE C 157 -0.86 -34.36 17.18
C PHE C 157 -1.43 -33.38 16.14
N SER C 158 -0.66 -33.10 15.10
CA SER C 158 -1.13 -32.15 14.10
C SER C 158 -0.52 -32.38 12.75
N GLY C 159 -1.23 -31.98 11.70
CA GLY C 159 -0.71 -32.17 10.35
C GLY C 159 -1.22 -31.18 9.33
N SER C 160 -0.49 -31.01 8.25
CA SER C 160 -0.96 -30.06 7.27
C SER C 160 -0.32 -30.31 5.94
N VAL C 161 -0.97 -29.76 4.92
CA VAL C 161 -0.59 -30.04 3.55
C VAL C 161 -0.94 -28.79 2.76
N GLN C 162 -0.14 -28.53 1.73
CA GLN C 162 -0.16 -27.31 0.93
C GLN C 162 0.15 -27.55 -0.53
N TYR C 163 -0.64 -26.94 -1.39
CA TYR C 163 -0.36 -27.04 -2.79
C TYR C 163 -0.02 -25.65 -3.32
N VAL C 164 1.07 -25.56 -4.09
CA VAL C 164 1.47 -24.34 -4.75
C VAL C 164 1.37 -24.61 -6.25
N PRO C 165 0.19 -24.35 -6.81
CA PRO C 165 -0.01 -24.65 -8.21
C PRO C 165 0.84 -23.73 -9.06
N ASN C 166 1.01 -22.47 -8.64
CA ASN C 166 1.32 -21.45 -9.63
C ASN C 166 2.64 -21.48 -10.28
N ASP C 167 2.57 -21.61 -11.60
CA ASP C 167 1.35 -22.15 -12.18
C ASP C 167 1.74 -23.27 -13.17
N ASN C 168 2.35 -22.86 -14.28
CA ASN C 168 3.15 -23.76 -15.10
C ASN C 168 2.54 -24.89 -15.93
N SER C 169 1.30 -24.78 -16.37
CA SER C 169 0.93 -25.66 -17.46
C SER C 169 0.11 -24.93 -18.51
N GLY C 170 0.69 -24.69 -19.69
CA GLY C 170 2.13 -24.59 -19.86
C GLY C 170 3.02 -25.82 -19.92
N LYS C 171 4.23 -25.66 -19.40
CA LYS C 171 5.27 -26.69 -19.41
C LYS C 171 5.06 -27.68 -18.28
N ASN C 172 6.07 -28.52 -18.07
CA ASN C 172 6.11 -29.38 -16.89
C ASN C 172 6.05 -28.53 -15.64
N ARG C 173 5.20 -28.98 -14.73
CA ARG C 173 4.69 -28.17 -13.64
C ARG C 173 5.70 -27.77 -12.57
N SER C 174 5.82 -26.48 -12.33
CA SER C 174 6.68 -25.98 -11.26
C SER C 174 5.88 -25.86 -9.97
N GLU C 175 4.64 -26.33 -10.01
CA GLU C 175 3.87 -26.38 -8.79
C GLU C 175 4.66 -27.18 -7.79
N SER C 176 4.53 -26.79 -6.53
CA SER C 176 5.24 -27.46 -5.46
C SER C 176 4.26 -27.94 -4.39
N TYR C 177 4.85 -28.60 -3.41
CA TYR C 177 4.12 -29.55 -2.64
C TYR C 177 4.59 -29.56 -1.23
N HIS C 178 3.70 -29.39 -0.27
CA HIS C 178 4.18 -29.10 1.06
C HIS C 178 3.40 -29.82 2.14
N ALA C 179 4.07 -30.50 3.05
CA ALA C 179 3.33 -30.95 4.21
C ALA C 179 4.18 -31.37 5.36
N GLY C 180 3.58 -31.35 6.53
CA GLY C 180 4.32 -31.61 7.73
C GLY C 180 3.42 -32.10 8.82
N PHE C 181 4.02 -32.57 9.89
CA PHE C 181 3.26 -32.96 11.06
C PHE C 181 3.96 -32.36 12.27
N ASN C 182 3.24 -32.27 13.37
CA ASN C 182 3.76 -31.73 14.58
C ASN C 182 3.28 -32.44 15.78
N TYR C 183 4.23 -32.93 16.58
CA TYR C 183 3.94 -33.48 17.89
C TYR C 183 4.38 -32.51 19.01
N LYS C 184 3.48 -32.24 19.95
CA LYS C 184 3.88 -31.62 21.19
C LYS C 184 3.30 -32.40 22.35
N ASN C 185 4.19 -32.98 23.16
CA ASN C 185 3.75 -33.59 24.39
C ASN C 185 4.53 -33.06 25.60
N ASP C 186 3.83 -32.36 26.50
CA ASP C 186 4.41 -31.81 27.73
C ASP C 186 5.67 -30.96 27.48
N GLY C 187 5.47 -29.84 26.81
CA GLY C 187 6.53 -28.90 26.57
C GLY C 187 7.55 -29.51 25.66
N PHE C 188 7.13 -30.50 24.89
CA PHE C 188 8.06 -31.27 24.10
C PHE C 188 7.55 -31.31 22.72
N PHE C 189 8.45 -31.33 21.75
CA PHE C 189 7.95 -31.24 20.40
C PHE C 189 8.89 -31.75 19.37
N VAL C 190 8.30 -32.04 18.24
CA VAL C 190 9.06 -32.32 17.04
C VAL C 190 8.15 -31.93 15.90
N GLN C 191 8.74 -31.39 14.86
CA GLN C 191 7.97 -30.94 13.75
C GLN C 191 8.68 -31.34 12.49
N TYR C 192 8.01 -32.17 11.70
CA TYR C 192 8.50 -32.46 10.38
C TYR C 192 7.81 -31.55 9.42
N ALA C 193 8.59 -31.01 8.51
CA ALA C 193 8.08 -30.19 7.44
C ALA C 193 8.79 -30.64 6.17
N GLY C 194 8.06 -30.76 5.08
CA GLY C 194 8.73 -31.15 3.87
C GLY C 194 8.10 -30.48 2.69
N SER C 195 8.92 -30.34 1.64
CA SER C 195 8.60 -29.62 0.43
C SER C 195 9.17 -30.42 -0.72
N TYR C 196 8.45 -30.46 -1.82
CA TYR C 196 8.93 -31.11 -3.00
C TYR C 196 8.45 -30.28 -4.13
N LYS C 197 9.19 -30.28 -5.23
CA LYS C 197 8.80 -29.47 -6.34
C LYS C 197 8.92 -30.25 -7.62
N ARG C 198 7.78 -30.44 -8.27
CA ARG C 198 7.67 -31.22 -9.50
C ARG C 198 8.61 -30.68 -10.57
N HIS C 199 8.73 -29.35 -10.60
CA HIS C 199 9.66 -28.72 -11.51
C HIS C 199 10.07 -27.32 -11.04
N ASN C 200 11.27 -26.93 -11.41
CA ASN C 200 11.71 -25.54 -11.33
C ASN C 200 12.78 -25.42 -12.40
N TYR C 201 12.89 -24.28 -13.06
CA TYR C 201 14.02 -24.06 -13.93
C TYR C 201 15.06 -23.53 -12.93
N THR C 202 16.26 -24.10 -12.82
CA THR C 202 17.16 -23.94 -11.66
C THR C 202 17.01 -25.01 -10.58
N THR C 203 15.91 -25.77 -10.63
CA THR C 203 15.89 -27.13 -10.07
C THR C 203 14.86 -28.03 -10.81
N GLU C 204 15.27 -29.19 -11.33
CA GLU C 204 14.27 -30.18 -11.71
C GLU C 204 13.91 -30.81 -10.36
N LYS C 205 12.63 -31.09 -10.15
CA LYS C 205 12.16 -31.96 -9.06
C LYS C 205 13.00 -31.84 -7.76
N HIS C 206 12.76 -30.80 -6.94
CA HIS C 206 13.60 -30.49 -5.78
C HIS C 206 12.96 -30.77 -4.42
N GLN C 207 13.74 -31.28 -3.47
CA GLN C 207 13.16 -31.68 -2.18
C GLN C 207 13.87 -31.11 -0.96
N VAL C 208 13.06 -30.72 0.02
CA VAL C 208 13.54 -30.14 1.27
C VAL C 208 12.84 -30.80 2.45
N HIS C 209 13.63 -31.24 3.41
CA HIS C 209 13.11 -31.96 4.56
C HIS C 209 13.66 -31.36 5.82
N ARG C 210 12.80 -31.24 6.83
CA ARG C 210 13.21 -30.70 8.11
C ARG C 210 12.57 -31.43 9.26
N LEU C 211 13.40 -31.78 10.23
CA LEU C 211 12.87 -32.24 11.49
C LEU C 211 13.35 -31.28 12.54
N VAL C 212 12.48 -30.96 13.49
CA VAL C 212 12.85 -30.12 14.61
C VAL C 212 12.43 -30.85 15.86
N GLY C 213 13.20 -30.75 16.93
CA GLY C 213 12.72 -31.33 18.17
C GLY C 213 13.34 -30.59 19.30
N GLY C 214 12.67 -30.58 20.43
CA GLY C 214 13.17 -29.83 21.57
C GLY C 214 12.16 -29.65 22.66
N TYR C 215 12.58 -29.00 23.72
CA TYR C 215 11.66 -28.65 24.77
C TYR C 215 11.26 -27.20 24.55
N ASP C 216 9.97 -26.93 24.58
CA ASP C 216 9.52 -25.55 24.52
C ASP C 216 8.53 -25.42 25.65
N HIS C 217 8.89 -24.69 26.69
CA HIS C 217 7.92 -24.45 27.75
C HIS C 217 8.53 -23.72 28.92
N ASP C 218 7.67 -23.09 29.71
CA ASP C 218 8.05 -22.55 31.02
C ASP C 218 9.43 -21.88 31.07
N ALA C 219 9.59 -20.76 30.38
CA ALA C 219 10.83 -19.97 30.49
C ALA C 219 12.09 -20.65 29.92
N LEU C 220 11.95 -21.87 29.42
CA LEU C 220 13.06 -22.54 28.76
C LEU C 220 12.64 -23.04 27.39
N TYR C 221 13.52 -22.83 26.42
CA TYR C 221 13.37 -23.41 25.11
C TYR C 221 14.70 -23.93 24.61
N ALA C 222 14.68 -25.12 24.02
CA ALA C 222 15.86 -25.65 23.39
C ALA C 222 15.40 -26.48 22.22
N SER C 223 16.11 -26.40 21.12
CA SER C 223 15.75 -27.17 19.96
C SER C 223 16.93 -27.52 19.12
N VAL C 224 16.91 -28.71 18.56
CA VAL C 224 17.79 -29.01 17.43
C VAL C 224 16.96 -29.31 16.21
N ALA C 225 17.36 -28.73 15.10
CA ALA C 225 16.68 -28.96 13.86
C ALA C 225 17.69 -29.33 12.82
N VAL C 226 17.22 -30.10 11.85
CA VAL C 226 18.05 -30.57 10.79
C VAL C 226 17.25 -30.44 9.50
N GLN C 227 17.89 -29.87 8.50
CA GLN C 227 17.30 -29.81 7.18
C GLN C 227 18.24 -30.41 6.15
N GLN C 228 17.68 -31.14 5.22
CA GLN C 228 18.45 -31.60 4.10
C GLN C 228 17.67 -31.19 2.89
N GLN C 229 18.36 -31.07 1.77
CA GLN C 229 17.73 -30.75 0.51
C GLN C 229 18.43 -31.55 -0.54
N ASP C 230 17.66 -32.32 -1.28
CA ASP C 230 18.25 -33.15 -2.31
C ASP C 230 17.66 -32.64 -3.60
N ALA C 231 18.53 -32.41 -4.59
CA ALA C 231 18.08 -31.79 -5.83
C ALA C 231 18.72 -32.37 -7.08
N LYS C 232 17.86 -32.70 -8.03
CA LYS C 232 18.24 -33.06 -9.39
C LYS C 232 18.63 -31.75 -10.11
N LEU C 233 19.55 -31.82 -11.07
CA LEU C 233 20.04 -30.61 -11.76
C LEU C 233 20.08 -30.81 -13.27
N THR C 234 19.23 -30.03 -13.97
CA THR C 234 18.95 -30.21 -15.39
C THR C 234 19.81 -29.39 -16.35
N TRP C 235 20.55 -28.39 -15.85
CA TRP C 235 20.96 -27.25 -16.68
C TRP C 235 21.48 -27.64 -18.06
N ARG C 236 22.68 -28.19 -18.15
CA ARG C 236 23.00 -28.99 -19.33
C ARG C 236 23.10 -30.40 -18.78
N ASP C 237 24.28 -30.76 -18.31
CA ASP C 237 24.47 -31.49 -17.05
C ASP C 237 23.78 -32.86 -16.79
N ASP C 238 22.81 -33.33 -17.61
CA ASP C 238 22.12 -34.58 -17.22
C ASP C 238 23.06 -35.79 -17.35
N ASN C 239 23.20 -36.57 -16.28
CA ASN C 239 22.51 -36.36 -15.01
C ASN C 239 23.38 -35.62 -13.99
N SER C 240 22.94 -34.44 -13.55
CA SER C 240 23.67 -33.67 -12.52
C SER C 240 22.84 -33.64 -11.24
N HIS C 241 23.49 -33.45 -10.09
CA HIS C 241 22.72 -33.33 -8.85
C HIS C 241 23.55 -32.96 -7.62
N ASN C 242 22.85 -32.42 -6.62
CA ASN C 242 23.49 -31.96 -5.39
C ASN C 242 22.65 -32.26 -4.16
N SER C 243 23.32 -32.35 -3.02
CA SER C 243 22.64 -32.50 -1.75
C SER C 243 23.20 -31.48 -0.80
N GLN C 244 22.35 -30.92 0.04
CA GLN C 244 22.88 -30.15 1.15
C GLN C 244 22.22 -30.52 2.44
N THR C 245 22.89 -30.13 3.50
CA THR C 245 22.46 -30.49 4.80
C THR C 245 22.85 -29.39 5.73
N GLU C 246 22.00 -29.17 6.71
CA GLU C 246 22.19 -28.07 7.60
C GLU C 246 21.68 -28.55 8.93
N VAL C 247 22.40 -28.14 9.97
CA VAL C 247 21.94 -28.34 11.33
C VAL C 247 21.86 -27.00 11.96
N ALA C 248 20.99 -26.89 12.95
CA ALA C 248 20.92 -25.69 13.73
C ALA C 248 20.41 -26.06 15.10
N THR C 249 20.70 -25.22 16.07
CA THR C 249 20.27 -25.47 17.44
C THR C 249 20.10 -24.15 18.12
N THR C 250 19.10 -24.08 18.98
CA THR C 250 18.78 -22.85 19.65
C THR C 250 18.35 -23.08 21.08
N VAL C 251 18.93 -22.28 21.96
CA VAL C 251 18.50 -22.25 23.35
C VAL C 251 18.03 -20.85 23.67
N ALA C 252 16.78 -20.73 24.07
CA ALA C 252 16.26 -19.50 24.65
C ALA C 252 15.95 -19.78 26.10
N TYR C 253 16.05 -18.77 26.93
CA TYR C 253 15.50 -18.90 28.26
C TYR C 253 15.02 -17.57 28.83
N ARG C 254 14.40 -17.62 30.01
CA ARG C 254 13.76 -16.44 30.52
C ARG C 254 13.77 -16.26 32.02
N PHE C 255 14.03 -15.02 32.42
CA PHE C 255 13.57 -14.55 33.72
C PHE C 255 13.18 -13.13 33.78
N GLY C 256 12.29 -12.84 34.73
CA GLY C 256 11.85 -11.48 34.93
C GLY C 256 11.59 -11.15 33.49
N ASN C 257 12.15 -10.04 33.07
CA ASN C 257 11.91 -9.61 31.72
C ASN C 257 12.98 -9.90 30.68
N VAL C 258 14.10 -10.49 31.06
CA VAL C 258 15.13 -10.80 30.07
C VAL C 258 15.13 -12.23 29.55
N THR C 259 15.50 -12.36 28.29
CA THR C 259 15.26 -13.59 27.56
C THR C 259 16.45 -13.92 26.70
N PRO C 260 17.57 -14.30 27.32
CA PRO C 260 18.80 -14.63 26.55
C PRO C 260 18.52 -15.75 25.56
N ARG C 261 19.22 -15.74 24.43
CA ARG C 261 19.03 -16.79 23.44
C ARG C 261 20.28 -16.96 22.60
N VAL C 262 20.45 -18.13 22.01
CA VAL C 262 21.65 -18.39 21.23
C VAL C 262 21.41 -19.48 20.20
N SER C 263 22.11 -19.41 19.08
CA SER C 263 21.82 -20.31 17.98
C SER C 263 23.06 -20.62 17.20
N TYR C 264 23.20 -21.88 16.83
CA TYR C 264 24.31 -22.31 16.00
C TYR C 264 23.74 -22.93 14.73
N ALA C 265 24.37 -22.73 13.58
CA ALA C 265 23.97 -23.40 12.36
C ALA C 265 25.17 -23.84 11.54
N HIS C 266 25.28 -25.12 11.28
CA HIS C 266 26.36 -25.59 10.42
C HIS C 266 25.79 -26.25 9.22
N GLY C 267 26.02 -25.63 8.06
CA GLY C 267 25.65 -26.27 6.81
C GLY C 267 26.84 -27.02 6.29
N PHE C 268 26.57 -28.10 5.57
CA PHE C 268 27.60 -28.82 4.87
C PHE C 268 27.57 -28.43 3.41
N LYS C 269 28.49 -29.01 2.65
CA LYS C 269 28.68 -28.73 1.24
C LYS C 269 27.65 -29.37 0.32
N GLY C 270 27.60 -28.93 -0.93
CA GLY C 270 27.14 -29.83 -1.97
C GLY C 270 28.30 -30.78 -2.23
N SER C 271 28.06 -32.10 -2.22
CA SER C 271 29.17 -33.01 -2.51
C SER C 271 28.87 -34.03 -3.61
N VAL C 272 29.53 -33.84 -4.75
CA VAL C 272 29.45 -34.72 -5.91
C VAL C 272 30.50 -34.35 -6.96
N TYR C 273 30.36 -34.96 -8.14
CA TYR C 273 31.00 -34.51 -9.39
C TYR C 273 32.53 -34.31 -9.33
N ASP C 274 33.24 -35.32 -8.81
CA ASP C 274 34.68 -35.45 -8.91
C ASP C 274 35.48 -34.39 -8.14
N ALA C 275 34.83 -33.28 -7.79
CA ALA C 275 35.41 -32.32 -6.84
C ALA C 275 34.33 -31.86 -5.87
N ASP C 276 34.50 -32.27 -4.61
CA ASP C 276 33.59 -31.99 -3.54
C ASP C 276 33.81 -30.59 -3.05
N HIS C 277 35.10 -30.25 -2.90
CA HIS C 277 35.55 -29.09 -2.15
C HIS C 277 35.04 -29.12 -0.71
N ASP C 278 34.78 -27.94 -0.15
CA ASP C 278 33.92 -27.81 1.04
C ASP C 278 33.19 -26.48 0.91
N ASN C 279 31.88 -26.56 0.70
CA ASN C 279 31.02 -25.41 0.56
C ASN C 279 30.38 -25.13 1.91
N THR C 280 30.89 -25.84 2.91
CA THR C 280 30.42 -25.79 4.29
C THR C 280 30.35 -24.36 4.80
N TYR C 281 29.42 -24.12 5.73
CA TYR C 281 29.40 -22.83 6.43
C TYR C 281 29.12 -23.00 7.90
N ASP C 282 29.60 -22.08 8.71
CA ASP C 282 29.25 -22.11 10.13
C ASP C 282 28.70 -20.75 10.48
N GLN C 283 27.67 -20.67 11.34
CA GLN C 283 27.18 -19.36 11.82
C GLN C 283 26.53 -19.44 13.21
N VAL C 284 26.53 -18.34 13.95
CA VAL C 284 26.01 -18.35 15.31
C VAL C 284 25.44 -17.00 15.71
N VAL C 285 24.48 -16.99 16.62
CA VAL C 285 23.85 -15.76 17.06
C VAL C 285 23.56 -15.80 18.55
N VAL C 286 23.76 -14.67 19.20
CA VAL C 286 23.36 -14.55 20.59
C VAL C 286 22.82 -13.16 20.82
N GLY C 287 21.94 -13.04 21.78
CA GLY C 287 21.31 -11.77 22.06
C GLY C 287 20.19 -12.01 23.03
N ALA C 288 19.55 -10.94 23.45
CA ALA C 288 18.47 -11.07 24.39
C ALA C 288 17.36 -10.13 24.06
N GLU C 289 16.38 -10.18 24.94
CA GLU C 289 15.15 -9.44 24.84
C GLU C 289 14.89 -8.99 26.23
N TYR C 290 14.43 -7.77 26.36
CA TYR C 290 13.98 -7.30 27.65
C TYR C 290 12.56 -6.77 27.54
N ASP C 291 11.63 -7.48 28.14
CA ASP C 291 10.24 -7.10 28.10
C ASP C 291 10.06 -6.00 29.10
N PHE C 292 9.61 -4.84 28.66
CA PHE C 292 9.11 -3.88 29.62
C PHE C 292 7.68 -4.34 29.85
N SER C 293 7.13 -4.92 28.80
CA SER C 293 5.85 -5.57 28.90
C SER C 293 5.82 -6.67 27.89
N LYS C 294 4.72 -7.41 27.91
CA LYS C 294 4.43 -8.49 27.00
C LYS C 294 4.74 -8.06 25.58
N ARG C 295 4.20 -6.87 25.24
CA ARG C 295 4.25 -6.25 23.92
C ARG C 295 5.57 -5.62 23.61
N THR C 296 6.04 -4.83 24.56
CA THR C 296 7.20 -3.99 24.36
C THR C 296 8.48 -4.68 24.85
N SER C 297 9.34 -5.03 23.91
CA SER C 297 10.58 -5.69 24.25
C SER C 297 11.70 -5.02 23.52
N ALA C 298 12.75 -4.71 24.27
CA ALA C 298 14.00 -4.22 23.73
C ALA C 298 14.77 -5.41 23.23
N LEU C 299 15.41 -5.27 22.10
CA LEU C 299 16.11 -6.38 21.50
C LEU C 299 17.59 -6.03 21.34
N VAL C 300 18.45 -7.00 21.66
CA VAL C 300 19.87 -6.90 21.36
C VAL C 300 20.36 -8.18 20.68
N SER C 301 21.19 -8.01 19.66
CA SER C 301 21.60 -9.15 18.83
C SER C 301 23.03 -9.06 18.27
N ALA C 302 23.73 -10.18 18.30
CA ALA C 302 25.02 -10.29 17.67
C ALA C 302 25.09 -11.63 16.96
N GLY C 303 25.22 -11.61 15.63
CA GLY C 303 25.57 -12.80 14.87
C GLY C 303 26.96 -12.80 14.26
N TRP C 304 27.37 -13.98 13.79
CA TRP C 304 28.61 -14.19 13.06
C TRP C 304 28.41 -15.31 12.05
N LEU C 305 29.01 -15.20 10.88
CA LEU C 305 28.95 -16.31 9.91
C LEU C 305 30.26 -16.47 9.15
N GLN C 306 30.52 -17.66 8.66
CA GLN C 306 31.63 -17.88 7.77
C GLN C 306 31.25 -18.85 6.67
N LYS C 307 31.48 -18.42 5.44
CA LYS C 307 31.28 -19.25 4.25
C LYS C 307 32.60 -19.77 3.71
N GLY C 308 32.60 -21.03 3.27
CA GLY C 308 33.78 -21.66 2.75
C GLY C 308 34.87 -21.65 3.81
N LYS C 309 36.12 -21.85 3.37
CA LYS C 309 37.33 -21.80 4.21
C LYS C 309 38.55 -21.47 3.36
N GLY C 310 39.66 -21.13 4.02
CA GLY C 310 40.93 -20.96 3.29
C GLY C 310 41.25 -19.65 2.56
N ALA C 311 41.82 -19.77 1.36
CA ALA C 311 42.24 -18.62 0.54
C ALA C 311 41.08 -17.94 -0.25
N GLU C 312 40.12 -18.70 -0.81
CA GLU C 312 38.82 -18.13 -1.24
C GLU C 312 37.71 -18.40 -0.23
N LYS C 313 37.29 -17.38 0.50
CA LYS C 313 36.34 -17.60 1.59
C LYS C 313 35.72 -16.30 2.13
N PHE C 314 34.89 -16.45 3.16
CA PHE C 314 34.06 -15.36 3.58
C PHE C 314 33.74 -15.37 5.07
N VAL C 315 33.67 -14.19 5.68
CA VAL C 315 33.25 -14.07 7.06
C VAL C 315 32.40 -12.84 7.23
N ALA C 316 31.48 -12.83 8.18
CA ALA C 316 30.65 -11.63 8.41
C ALA C 316 30.15 -11.52 9.83
N THR C 317 30.05 -10.31 10.34
CA THR C 317 29.69 -10.13 11.73
C THR C 317 28.69 -8.98 11.89
N VAL C 318 27.53 -9.26 12.49
CA VAL C 318 26.49 -8.23 12.66
C VAL C 318 26.09 -8.07 14.11
N GLY C 319 25.74 -6.85 14.51
CA GLY C 319 25.16 -6.65 15.84
C GLY C 319 24.29 -5.42 15.81
N GLY C 320 23.33 -5.34 16.73
CA GLY C 320 22.44 -4.18 16.75
C GLY C 320 21.48 -4.17 17.92
N VAL C 321 20.76 -3.06 18.06
CA VAL C 321 19.66 -2.98 19.00
C VAL C 321 18.37 -2.81 18.21
N GLY C 322 17.26 -2.79 18.91
CA GLY C 322 16.01 -2.57 18.25
C GLY C 322 14.94 -2.54 19.30
N LEU C 323 13.79 -1.98 18.94
CA LEU C 323 12.64 -2.08 19.79
C LEU C 323 11.57 -2.83 19.04
N ARG C 324 10.72 -3.53 19.79
CA ARG C 324 9.57 -4.13 19.19
C ARG C 324 8.40 -3.97 20.10
N HIS C 325 7.36 -3.40 19.51
CA HIS C 325 6.05 -3.27 20.11
C HIS C 325 5.05 -4.00 19.25
N LYS C 326 4.50 -5.07 19.82
CA LYS C 326 3.46 -5.86 19.20
C LYS C 326 2.10 -5.25 19.53
N PHE C 327 1.19 -5.30 18.55
CA PHE C 327 -0.22 -4.96 18.80
C PHE C 327 -1.19 -5.77 17.93
N ALA D 1 -13.29 0.74 26.04
CA ALA D 1 -11.91 1.19 25.87
C ALA D 1 -10.96 0.01 25.88
N ALA D 2 -10.00 0.01 24.96
CA ALA D 2 -9.64 1.19 24.15
C ALA D 2 -10.56 1.70 23.03
N ALA D 3 -11.39 0.89 22.33
CA ALA D 3 -11.25 -0.55 21.98
C ALA D 3 -10.38 -0.55 20.73
N ALA D 4 -10.82 0.20 19.70
CA ALA D 4 -9.92 1.08 18.93
C ALA D 4 -10.48 2.52 18.98
N ALA D 5 -9.77 3.51 18.44
CA ALA D 5 -10.14 4.93 18.60
C ALA D 5 -10.19 5.62 17.22
N ALA D 6 -10.37 6.94 17.10
CA ALA D 6 -10.03 7.96 18.09
C ALA D 6 -11.15 8.56 18.94
N ALA D 7 -12.01 9.37 18.32
CA ALA D 7 -12.46 10.64 18.91
C ALA D 7 -13.01 10.62 20.34
N ALA D 8 -13.24 9.43 20.89
CA ALA D 8 -13.54 9.30 22.33
C ALA D 8 -12.28 9.48 23.18
N ALA E 1 -17.69 3.32 20.36
CA ALA E 1 -17.63 1.87 20.19
C ALA E 1 -16.22 1.25 20.26
N ALA E 2 -15.14 2.02 20.00
CA ALA E 2 -15.15 3.37 19.43
C ALA E 2 -14.81 3.51 17.91
N ALA E 3 -14.59 2.39 17.22
CA ALA E 3 -14.61 2.30 15.73
C ALA E 3 -15.39 1.00 15.37
N ALA E 4 -15.88 0.83 14.13
CA ALA E 4 -16.80 -0.31 13.93
C ALA E 4 -16.83 -1.08 12.62
N ALA E 5 -16.88 -2.40 12.72
CA ALA E 5 -17.62 -3.19 11.74
C ALA E 5 -18.50 -4.13 12.55
N ALA E 6 -19.80 -3.81 12.59
CA ALA E 6 -20.87 -4.70 13.08
C ALA E 6 -20.77 -5.22 14.55
N ALA E 7 -19.62 -5.01 15.20
CA ALA E 7 -19.36 -5.57 16.54
C ALA E 7 -19.07 -4.50 17.59
N ALA E 8 -19.43 -4.75 18.85
CA ALA E 8 -19.36 -3.77 19.94
C ALA E 8 -19.22 -2.32 19.48
N ALA F 1 -15.14 -2.01 18.92
CA ALA F 1 -15.90 -2.64 17.84
C ALA F 1 -14.98 -3.17 16.70
N ALA F 2 -13.67 -2.95 16.89
CA ALA F 2 -12.60 -3.67 16.19
C ALA F 2 -11.38 -3.83 17.15
N ALA F 3 -10.74 -5.00 17.14
CA ALA F 3 -9.68 -5.38 18.11
C ALA F 3 -8.23 -5.09 17.61
N ALA F 4 -7.17 -5.60 18.25
CA ALA F 4 -7.15 -6.37 19.48
C ALA F 4 -7.03 -5.35 20.58
N ALA F 5 -7.16 -4.11 20.14
CA ALA F 5 -6.69 -2.92 20.87
C ALA F 5 -7.06 -2.77 22.35
N ALA F 6 -8.35 -2.86 22.71
CA ALA F 6 -8.67 -3.09 24.13
C ALA F 6 -10.06 -3.58 24.51
N ALA F 7 -10.15 -4.15 25.72
CA ALA F 7 -11.37 -4.71 26.31
C ALA F 7 -12.48 -5.01 25.30
PG ATP G . 2.23 14.18 11.19
O1G ATP G . 2.64 14.86 12.48
O2G ATP G . 3.25 14.22 10.08
O3G ATP G . 1.51 12.87 11.35
PB ATP G . 1.55 16.68 10.27
O1B ATP G . 1.81 17.40 11.58
O2B ATP G . 2.65 16.57 9.23
O3B ATP G . 1.12 15.17 10.62
PA ATP G . -0.37 18.71 9.54
O1A ATP G . -1.77 18.65 8.99
O2A ATP G . -0.08 19.41 10.85
O3A ATP G . 0.16 17.19 9.62
O5' ATP G . 0.55 19.36 8.40
C5' ATP G . 1.49 18.55 7.70
C4' ATP G . 1.07 18.59 6.26
O4' ATP G . 2.19 18.78 5.38
C3' ATP G . 0.39 17.29 5.80
O3' ATP G . -1.01 17.31 6.08
C2' ATP G . 0.67 17.32 4.32
O2' ATP G . -0.44 17.97 3.72
C1' ATP G . 1.92 18.17 4.12
N9 ATP G . 3.11 17.38 3.71
C8 ATP G . 4.09 17.01 4.53
N7 ATP G . 5.04 16.30 3.86
C5 ATP G . 4.68 16.22 2.58
C6 ATP G . 5.24 15.62 1.33
N6 ATP G . 6.41 14.94 1.34
N1 ATP G . 4.54 15.77 0.18
C2 ATP G . 3.39 16.44 0.16
N3 ATP G . 2.82 17.01 1.24
C4 ATP G . 3.40 16.95 2.47
P PO4 H . 11.43 20.89 16.27
O1 PO4 H . 11.99 19.83 15.34
O2 PO4 H . 10.11 21.38 15.73
O3 PO4 H . 11.24 20.31 17.65
O4 PO4 H . 12.39 22.06 16.34
P PO4 I . 8.87 10.80 1.31
O1 PO4 I . 9.44 9.70 0.42
O2 PO4 I . 8.07 10.18 2.43
O3 PO4 I . 9.98 11.63 1.91
O4 PO4 I . 7.99 11.69 0.46
MG MG J . -3.23 19.66 6.84
PG ATP K . -18.22 0.71 -2.98
O1G ATP K . -18.99 0.29 -1.73
O2G ATP K . -19.06 1.52 -3.94
O3G ATP K . -16.87 1.32 -2.67
PB ATP K . -18.56 -1.35 -5.02
O1B ATP K . -19.99 -0.87 -5.08
O2B ATP K . -17.68 -1.10 -6.22
O3B ATP K . -17.83 -0.67 -3.74
PA ATP K . -19.75 -4.02 -4.63
O1A ATP K . -19.60 -4.84 -3.37
O2A ATP K . -21.05 -3.29 -4.87
O3A ATP K . -18.52 -2.95 -4.66
O5' ATP K . -19.52 -5.06 -5.84
C5' ATP K . -19.07 -4.63 -7.11
C4' ATP K . -17.92 -5.55 -7.47
O4' ATP K . -17.07 -4.98 -8.47
C3' ATP K . -17.03 -5.78 -6.25
O3' ATP K . -17.37 -7.03 -5.61
C2' ATP K . -15.62 -5.73 -6.80
O2' ATP K . -14.87 -6.88 -6.44
C1' ATP K . -15.80 -5.58 -8.33
N9 ATP K . -14.69 -4.80 -8.94
C8 ATP K . -13.82 -4.17 -8.18
N7 ATP K . -12.85 -3.53 -8.86
C5 ATP K . -13.09 -3.74 -10.14
C6 ATP K . -12.38 -3.31 -11.36
N6 ATP K . -11.26 -2.53 -11.28
N1 ATP K . -12.93 -3.76 -12.53
C2 ATP K . -14.05 -4.55 -12.56
N3 ATP K . -14.72 -4.96 -11.45
C4 ATP K . -14.29 -4.61 -10.22
P PO4 L . -26.80 5.03 -12.48
O1 PO4 L . -25.58 4.66 -13.29
O2 PO4 L . -27.21 3.81 -11.69
O3 PO4 L . -26.46 6.16 -11.54
O4 PO4 L . -27.89 5.44 -13.43
P PO4 M . -7.69 2.03 -10.59
O1 PO4 M . -7.38 1.14 -11.77
O2 PO4 M . -9.04 2.67 -10.77
O3 PO4 M . -7.63 1.20 -9.32
O4 PO4 M . -6.67 3.14 -10.49
PG ATP N . 0.51 -14.81 10.87
O1G ATP N . 0.34 -14.27 12.26
O2G ATP N . 0.43 -16.32 10.79
O3G ATP N . -0.34 -14.09 9.85
PB ATP N . 3.34 -15.27 10.89
O1B ATP N . 2.90 -16.49 11.67
O2B ATP N . 4.15 -15.47 9.62
O3B ATP N . 2.03 -14.41 10.47
PA ATP N . 4.83 -14.55 13.29
O1A ATP N . 4.75 -13.29 14.13
O2A ATP N . 4.20 -15.81 13.85
O3A ATP N . 4.17 -14.23 11.84
O5' ATP N . 6.41 -14.84 13.09
C5' ATP N . 7.07 -15.05 11.85
C4' ATP N . 8.25 -14.07 11.81
O4' ATP N . 9.04 -14.24 10.62
C3' ATP N . 7.70 -12.63 11.83
O3' ATP N . 8.03 -11.91 13.04
C2' ATP N . 8.33 -11.96 10.62
O2' ATP N . 8.79 -10.64 10.98
C1' ATP N . 9.37 -12.96 10.07
N9 ATP N . 9.25 -12.94 8.58
C8 ATP N . 8.13 -13.26 7.90
N7 ATP N . 8.30 -13.12 6.56
C5 ATP N . 9.54 -12.68 6.34
C6 ATP N . 10.36 -12.32 5.16
N6 ATP N . 9.86 -12.39 3.90
N1 ATP N . 11.62 -11.90 5.36
C2 ATP N . 12.14 -11.81 6.61
N3 ATP N . 11.46 -12.12 7.73
C4 ATP N . 10.17 -12.55 7.68
P PO4 O . 4.26 -27.18 10.28
O1 PO4 O . 4.27 -25.94 9.40
O2 PO4 O . 3.78 -26.75 11.64
O3 PO4 O . 3.33 -28.23 9.70
O4 PO4 O . 5.66 -27.75 10.39
P PO4 P . 6.47 -12.28 -0.80
O1 PO4 P . 6.04 -13.72 -0.79
O2 PO4 P . 5.33 -11.39 -0.36
O3 PO4 P . 7.65 -12.13 0.13
O4 PO4 P . 6.90 -11.91 -2.21
#